data_2KE9
#
_entry.id   2KE9
#
_cell.length_a   1.000
_cell.length_b   1.000
_cell.length_c   1.000
_cell.angle_alpha   90.00
_cell.angle_beta   90.00
_cell.angle_gamma   90.00
#
_symmetry.space_group_name_H-M   'P 1'
#
_entity_poly.entity_id   1
_entity_poly.type   'polypeptide(L)'
_entity_poly.pdbx_seq_one_letter_code
;GSSHHHHHHSSGLVPRGSLKVRALKDFWNLHDPTALNVRAGDVITVLEQHPDGRWKGHIHESQRGTDRIGYFPPGIVEVV
SKR
;
_entity_poly.pdbx_strand_id   A
#
# COMPACT_ATOMS: atom_id res chain seq x y z
N GLY A 17 12.16 -5.97 -5.63
CA GLY A 17 11.14 -5.38 -4.74
C GLY A 17 11.40 -5.71 -3.29
N SER A 18 10.39 -6.29 -2.63
CA SER A 18 10.48 -6.69 -1.22
C SER A 18 10.69 -5.48 -0.31
N LEU A 19 10.18 -4.34 -0.73
CA LEU A 19 10.30 -3.12 0.04
C LEU A 19 9.04 -2.96 0.89
N LYS A 20 9.18 -2.49 2.10
CA LYS A 20 8.05 -2.35 2.99
C LYS A 20 7.82 -0.90 3.35
N VAL A 21 6.57 -0.51 3.33
CA VAL A 21 6.18 0.86 3.67
C VAL A 21 5.03 0.86 4.66
N ARG A 22 4.93 1.91 5.43
CA ARG A 22 3.86 2.05 6.39
C ARG A 22 2.84 3.02 5.82
N ALA A 23 1.58 2.74 6.04
CA ALA A 23 0.52 3.61 5.56
C ALA A 23 0.30 4.77 6.51
N LEU A 24 0.66 5.96 6.08
CA LEU A 24 0.45 7.16 6.89
C LEU A 24 -0.99 7.61 6.74
N LYS A 25 -1.53 7.39 5.56
CA LYS A 25 -2.90 7.73 5.25
C LYS A 25 -3.64 6.47 4.84
N ASP A 26 -4.95 6.54 4.83
CA ASP A 26 -5.76 5.38 4.46
C ASP A 26 -5.97 5.35 2.96
N PHE A 27 -6.26 4.19 2.43
CA PHE A 27 -6.56 4.06 1.02
C PHE A 27 -7.68 3.05 0.85
N TRP A 28 -8.82 3.55 0.41
CA TRP A 28 -9.99 2.71 0.23
C TRP A 28 -10.74 3.12 -1.03
N ASN A 29 -10.86 2.20 -1.96
CA ASN A 29 -11.57 2.48 -3.20
C ASN A 29 -12.21 1.20 -3.74
N LEU A 30 -13.49 1.26 -4.01
CA LEU A 30 -14.22 0.11 -4.52
C LEU A 30 -14.61 0.32 -5.97
N HIS A 31 -15.05 -0.78 -6.63
CA HIS A 31 -15.43 -0.78 -8.06
C HIS A 31 -14.22 -0.64 -8.96
N ASP A 32 -13.04 -0.70 -8.35
CA ASP A 32 -11.79 -0.58 -9.10
C ASP A 32 -10.88 -1.76 -8.76
N PRO A 33 -10.59 -2.62 -9.75
CA PRO A 33 -9.77 -3.83 -9.55
C PRO A 33 -8.29 -3.54 -9.29
N THR A 34 -7.88 -2.30 -9.48
CA THR A 34 -6.49 -1.92 -9.28
C THR A 34 -6.33 -1.10 -8.00
N ALA A 35 -7.40 -1.01 -7.24
CA ALA A 35 -7.39 -0.26 -6.01
C ALA A 35 -6.81 -1.06 -4.87
N LEU A 36 -6.19 -0.37 -3.95
CA LEU A 36 -5.60 -0.99 -2.80
C LEU A 36 -6.46 -0.76 -1.56
N ASN A 37 -6.38 -1.67 -0.63
CA ASN A 37 -7.12 -1.57 0.63
C ASN A 37 -6.15 -1.54 1.79
N VAL A 38 -5.97 -0.37 2.38
CA VAL A 38 -5.06 -0.23 3.49
C VAL A 38 -5.52 0.86 4.45
N ARG A 39 -5.29 0.61 5.72
CA ARG A 39 -5.66 1.56 6.76
C ARG A 39 -4.39 2.11 7.39
N ALA A 40 -4.42 3.36 7.81
CA ALA A 40 -3.26 4.04 8.40
C ALA A 40 -2.67 3.21 9.55
N GLY A 41 -1.38 2.94 9.45
CA GLY A 41 -0.70 2.16 10.45
C GLY A 41 -0.28 0.79 9.93
N ASP A 42 -0.96 0.32 8.89
CA ASP A 42 -0.68 -0.98 8.31
C ASP A 42 0.59 -0.91 7.44
N VAL A 43 1.12 -2.06 7.10
CA VAL A 43 2.34 -2.12 6.30
C VAL A 43 2.09 -2.79 4.96
N ILE A 44 2.67 -2.22 3.93
CA ILE A 44 2.51 -2.73 2.58
C ILE A 44 3.86 -3.19 2.04
N THR A 45 3.87 -4.37 1.45
CA THR A 45 5.09 -4.89 0.85
C THR A 45 5.02 -4.62 -0.65
N VAL A 46 5.81 -3.70 -1.11
CA VAL A 46 5.78 -3.31 -2.49
C VAL A 46 6.81 -4.05 -3.32
N LEU A 47 6.41 -4.38 -4.54
CA LEU A 47 7.29 -5.06 -5.47
C LEU A 47 8.09 -4.02 -6.24
N GLU A 48 7.64 -2.79 -6.15
CA GLU A 48 8.29 -1.69 -6.83
C GLU A 48 9.34 -1.04 -5.95
N GLN A 49 10.18 -0.25 -6.57
CA GLN A 49 11.21 0.49 -5.88
C GLN A 49 11.58 1.70 -6.71
N HIS A 50 11.44 2.88 -6.12
CA HIS A 50 11.68 4.14 -6.83
C HIS A 50 10.76 4.24 -8.06
N PRO A 51 9.47 4.53 -7.84
CA PRO A 51 8.48 4.61 -8.90
C PRO A 51 8.27 6.03 -9.40
N ASP A 52 7.25 6.20 -10.23
CA ASP A 52 6.90 7.51 -10.76
C ASP A 52 5.39 7.69 -10.73
N GLY A 53 4.91 8.48 -9.79
CA GLY A 53 3.49 8.72 -9.67
C GLY A 53 2.83 7.77 -8.70
N ARG A 54 2.76 6.50 -9.07
CA ARG A 54 2.16 5.48 -8.25
C ARG A 54 2.82 4.14 -8.47
N TRP A 55 2.70 3.25 -7.51
CA TRP A 55 3.30 1.93 -7.61
C TRP A 55 2.34 0.85 -7.12
N LYS A 56 2.68 -0.40 -7.39
CA LYS A 56 1.85 -1.52 -6.98
C LYS A 56 2.48 -2.24 -5.79
N GLY A 57 1.64 -2.61 -4.84
CA GLY A 57 2.13 -3.28 -3.67
C GLY A 57 1.19 -4.36 -3.17
N HIS A 58 1.69 -5.17 -2.27
CA HIS A 58 0.93 -6.26 -1.67
C HIS A 58 0.74 -5.98 -0.19
N ILE A 59 -0.47 -6.10 0.28
CA ILE A 59 -0.76 -5.84 1.69
C ILE A 59 -0.23 -6.95 2.56
N HIS A 60 0.41 -6.59 3.67
CA HIS A 60 0.92 -7.59 4.59
C HIS A 60 -0.25 -8.20 5.35
N GLU A 61 -0.63 -9.38 4.93
CA GLU A 61 -1.78 -10.04 5.52
C GLU A 61 -1.39 -11.30 6.27
N SER A 62 -2.28 -11.74 7.12
CA SER A 62 -2.10 -12.97 7.87
C SER A 62 -2.91 -14.08 7.21
N GLN A 63 -3.97 -13.67 6.51
CA GLN A 63 -4.83 -14.60 5.82
C GLN A 63 -4.57 -14.55 4.33
N ARG A 64 -4.09 -15.67 3.79
CA ARG A 64 -3.75 -15.78 2.38
C ARG A 64 -4.96 -15.52 1.50
N GLY A 65 -4.77 -14.72 0.47
CA GLY A 65 -5.84 -14.39 -0.42
C GLY A 65 -6.34 -12.99 -0.21
N THR A 66 -5.89 -12.37 0.86
CA THR A 66 -6.27 -11.01 1.18
C THR A 66 -5.42 -10.02 0.37
N ASP A 67 -6.09 -8.99 -0.18
CA ASP A 67 -5.49 -7.90 -0.98
C ASP A 67 -4.15 -8.26 -1.63
N ARG A 68 -4.22 -8.66 -2.88
CA ARG A 68 -3.07 -9.12 -3.62
C ARG A 68 -2.24 -7.96 -4.15
N ILE A 69 -2.66 -7.38 -5.25
CA ILE A 69 -1.92 -6.30 -5.86
C ILE A 69 -2.78 -5.07 -6.03
N GLY A 70 -2.33 -3.96 -5.49
CA GLY A 70 -3.07 -2.72 -5.61
C GLY A 70 -2.15 -1.57 -5.90
N TYR A 71 -2.65 -0.57 -6.57
CA TYR A 71 -1.86 0.58 -6.94
C TYR A 71 -2.17 1.75 -6.02
N PHE A 72 -1.14 2.43 -5.59
CA PHE A 72 -1.29 3.56 -4.69
C PHE A 72 -0.10 4.51 -4.84
N PRO A 73 -0.30 5.79 -4.51
CA PRO A 73 0.78 6.78 -4.58
C PRO A 73 1.74 6.67 -3.39
N PRO A 74 3.05 6.72 -3.66
CA PRO A 74 4.10 6.62 -2.62
C PRO A 74 4.05 7.81 -1.65
N GLY A 75 3.23 8.79 -1.97
CA GLY A 75 3.11 9.97 -1.15
C GLY A 75 2.34 9.73 0.14
N ILE A 76 1.55 8.66 0.19
CA ILE A 76 0.78 8.36 1.39
C ILE A 76 1.45 7.29 2.25
N VAL A 77 2.62 6.85 1.83
CA VAL A 77 3.34 5.81 2.55
C VAL A 77 4.82 6.16 2.75
N GLU A 78 5.41 5.57 3.77
CA GLU A 78 6.83 5.74 4.06
C GLU A 78 7.28 4.59 4.97
N VAL A 79 8.54 4.20 4.86
CA VAL A 79 9.07 3.07 5.63
C VAL A 79 9.37 3.45 7.09
N VAL A 80 9.72 4.71 7.31
CA VAL A 80 10.10 5.16 8.65
C VAL A 80 8.86 5.36 9.54
N SER A 81 9.11 5.53 10.83
CA SER A 81 8.03 5.73 11.78
C SER A 81 7.41 7.12 11.62
N LYS A 82 6.22 7.30 12.16
CA LYS A 82 5.51 8.56 12.06
C LYS A 82 5.89 9.50 13.19
N ARG A 83 5.30 10.69 13.21
CA ARG A 83 5.54 11.66 14.26
C ARG A 83 5.18 11.06 15.63
N GLY A 17 12.24 -6.52 -5.45
CA GLY A 17 11.86 -7.79 -4.81
C GLY A 17 10.65 -7.65 -3.91
N SER A 18 10.89 -7.52 -2.61
CA SER A 18 9.80 -7.39 -1.67
C SER A 18 10.21 -6.51 -0.48
N LEU A 19 9.79 -5.26 -0.52
CA LEU A 19 10.05 -4.33 0.55
C LEU A 19 8.76 -4.00 1.26
N LYS A 20 8.81 -3.11 2.22
CA LYS A 20 7.61 -2.74 2.94
C LYS A 20 7.62 -1.27 3.30
N VAL A 21 6.52 -0.61 3.06
CA VAL A 21 6.35 0.78 3.42
C VAL A 21 5.22 0.91 4.40
N ARG A 22 5.23 1.96 5.17
CA ARG A 22 4.20 2.18 6.16
C ARG A 22 3.22 3.20 5.67
N ALA A 23 1.94 2.92 5.84
CA ALA A 23 0.91 3.85 5.43
C ALA A 23 0.77 4.94 6.46
N LEU A 24 1.06 6.16 6.05
CA LEU A 24 0.96 7.31 6.93
C LEU A 24 -0.43 7.88 6.89
N LYS A 25 -1.16 7.51 5.86
CA LYS A 25 -2.53 7.94 5.69
C LYS A 25 -3.34 6.78 5.16
N ASP A 26 -4.60 6.71 5.54
CA ASP A 26 -5.47 5.64 5.04
C ASP A 26 -5.86 5.96 3.63
N PHE A 27 -5.79 4.98 2.75
CA PHE A 27 -6.18 5.18 1.37
C PHE A 27 -7.69 5.14 1.29
N TRP A 28 -8.30 6.28 0.98
CA TRP A 28 -9.75 6.39 0.98
C TRP A 28 -10.36 5.64 -0.19
N ASN A 29 -9.64 5.58 -1.30
CA ASN A 29 -10.11 4.83 -2.44
C ASN A 29 -9.82 3.36 -2.22
N LEU A 30 -10.64 2.72 -1.41
CA LEU A 30 -10.44 1.33 -1.07
C LEU A 30 -11.59 0.45 -1.56
N HIS A 31 -12.65 1.08 -2.03
CA HIS A 31 -13.79 0.32 -2.54
C HIS A 31 -13.60 0.00 -4.01
N ASP A 32 -12.63 -0.87 -4.27
CA ASP A 32 -12.29 -1.31 -5.61
C ASP A 32 -11.14 -2.30 -5.55
N PRO A 33 -11.31 -3.50 -6.14
CA PRO A 33 -10.29 -4.56 -6.12
C PRO A 33 -8.94 -4.12 -6.73
N THR A 34 -8.98 -3.17 -7.65
CA THR A 34 -7.76 -2.67 -8.26
C THR A 34 -7.13 -1.55 -7.42
N ALA A 35 -7.80 -1.21 -6.34
CA ALA A 35 -7.32 -0.20 -5.42
C ALA A 35 -6.72 -0.88 -4.20
N LEU A 36 -5.76 -0.23 -3.59
CA LEU A 36 -5.09 -0.79 -2.43
C LEU A 36 -5.79 -0.40 -1.13
N ASN A 37 -6.52 -1.33 -0.55
CA ASN A 37 -7.20 -1.08 0.72
C ASN A 37 -6.20 -1.20 1.86
N VAL A 38 -5.76 -0.06 2.38
CA VAL A 38 -4.75 -0.05 3.43
C VAL A 38 -5.10 0.96 4.53
N ARG A 39 -4.76 0.59 5.75
CA ARG A 39 -5.00 1.43 6.90
C ARG A 39 -3.70 2.07 7.37
N ALA A 40 -3.80 3.28 7.91
CA ALA A 40 -2.64 4.00 8.40
C ALA A 40 -1.99 3.23 9.54
N GLY A 41 -0.71 2.95 9.39
CA GLY A 41 0.00 2.19 10.38
C GLY A 41 0.29 0.78 9.91
N ASP A 42 -0.40 0.36 8.86
CA ASP A 42 -0.20 -0.97 8.29
C ASP A 42 0.94 -0.92 7.28
N VAL A 43 1.54 -2.06 7.02
CA VAL A 43 2.67 -2.13 6.10
C VAL A 43 2.28 -2.78 4.79
N ILE A 44 2.80 -2.22 3.71
CA ILE A 44 2.50 -2.70 2.37
C ILE A 44 3.74 -3.36 1.76
N THR A 45 3.55 -4.54 1.17
CA THR A 45 4.64 -5.24 0.52
C THR A 45 4.85 -4.67 -0.89
N VAL A 46 5.93 -3.95 -1.07
CA VAL A 46 6.23 -3.29 -2.32
C VAL A 46 7.19 -4.14 -3.15
N LEU A 47 7.00 -4.14 -4.46
CA LEU A 47 7.87 -4.88 -5.35
C LEU A 47 9.14 -4.08 -5.65
N GLU A 48 8.95 -2.81 -6.03
CA GLU A 48 10.06 -1.93 -6.33
C GLU A 48 9.59 -0.47 -6.32
N GLN A 49 10.55 0.45 -6.23
CA GLN A 49 10.26 1.87 -6.10
C GLN A 49 9.80 2.49 -7.42
N HIS A 50 8.71 3.24 -7.34
CA HIS A 50 8.17 3.96 -8.49
C HIS A 50 7.58 5.30 -8.06
N PRO A 51 8.42 6.32 -7.87
CA PRO A 51 7.98 7.65 -7.44
C PRO A 51 7.34 8.45 -8.59
N ASP A 52 7.29 7.84 -9.78
CA ASP A 52 6.71 8.50 -10.95
C ASP A 52 5.20 8.62 -10.84
N GLY A 53 4.62 7.78 -10.01
CA GLY A 53 3.20 7.81 -9.82
C GLY A 53 2.77 6.77 -8.82
N ARG A 54 1.52 6.37 -8.91
CA ARG A 54 0.98 5.35 -8.03
C ARG A 54 1.66 4.01 -8.28
N TRP A 55 2.46 3.58 -7.31
CA TRP A 55 3.15 2.32 -7.43
C TRP A 55 2.27 1.17 -6.98
N LYS A 56 2.76 -0.04 -7.13
CA LYS A 56 1.96 -1.21 -6.82
C LYS A 56 2.57 -2.05 -5.70
N GLY A 57 1.70 -2.59 -4.86
CA GLY A 57 2.14 -3.42 -3.76
C GLY A 57 1.03 -4.29 -3.25
N HIS A 58 1.36 -5.22 -2.37
CA HIS A 58 0.38 -6.12 -1.80
C HIS A 58 0.14 -5.79 -0.34
N ILE A 59 -1.12 -5.64 0.02
CA ILE A 59 -1.50 -5.31 1.37
C ILE A 59 -2.37 -6.41 1.96
N HIS A 60 -2.28 -6.59 3.29
CA HIS A 60 -3.06 -7.58 4.08
C HIS A 60 -2.98 -9.00 3.54
N GLU A 61 -3.65 -9.91 4.24
CA GLU A 61 -3.67 -11.30 3.84
C GLU A 61 -5.00 -11.67 3.18
N SER A 62 -5.16 -12.94 2.87
CA SER A 62 -6.32 -13.41 2.13
C SER A 62 -7.53 -13.73 3.03
N GLN A 63 -8.37 -12.72 3.27
CA GLN A 63 -9.61 -12.90 4.04
C GLN A 63 -10.64 -11.82 3.68
N ARG A 64 -11.92 -12.18 3.81
CA ARG A 64 -13.05 -11.25 3.58
C ARG A 64 -13.10 -10.73 2.15
N GLY A 65 -12.70 -11.55 1.20
CA GLY A 65 -12.71 -11.12 -0.17
C GLY A 65 -11.33 -10.80 -0.67
N THR A 66 -10.49 -11.83 -0.72
CA THR A 66 -9.11 -11.68 -1.14
C THR A 66 -8.99 -10.99 -2.50
N ASP A 67 -8.08 -10.05 -2.58
CA ASP A 67 -7.81 -9.34 -3.80
C ASP A 67 -6.63 -9.98 -4.52
N ARG A 68 -5.47 -9.32 -4.51
CA ARG A 68 -4.27 -9.83 -5.16
C ARG A 68 -3.12 -8.86 -4.98
N ILE A 69 -3.35 -7.63 -5.38
CA ILE A 69 -2.35 -6.60 -5.37
C ILE A 69 -3.00 -5.30 -5.89
N GLY A 70 -2.58 -4.17 -5.37
CA GLY A 70 -3.20 -2.93 -5.78
C GLY A 70 -2.21 -1.80 -6.00
N TYR A 71 -2.71 -0.67 -6.45
CA TYR A 71 -1.90 0.50 -6.71
C TYR A 71 -2.21 1.59 -5.71
N PHE A 72 -1.21 2.36 -5.36
CA PHE A 72 -1.38 3.41 -4.37
C PHE A 72 -0.34 4.51 -4.57
N PRO A 73 -0.68 5.75 -4.20
CA PRO A 73 0.23 6.88 -4.33
C PRO A 73 1.29 6.89 -3.23
N PRO A 74 2.57 6.97 -3.61
CA PRO A 74 3.70 6.98 -2.66
C PRO A 74 3.66 8.19 -1.72
N GLY A 75 2.82 9.16 -2.05
CA GLY A 75 2.69 10.36 -1.25
C GLY A 75 2.00 10.11 0.09
N ILE A 76 1.27 9.00 0.21
CA ILE A 76 0.55 8.71 1.44
C ILE A 76 1.28 7.64 2.27
N VAL A 77 2.44 7.22 1.81
CA VAL A 77 3.21 6.19 2.49
C VAL A 77 4.65 6.61 2.66
N GLU A 78 5.28 6.11 3.71
CA GLU A 78 6.68 6.37 3.98
C GLU A 78 7.34 5.09 4.45
N VAL A 79 8.58 4.88 4.08
CA VAL A 79 9.30 3.68 4.47
C VAL A 79 9.50 3.63 5.99
N VAL A 80 9.62 4.79 6.62
CA VAL A 80 9.81 4.85 8.06
C VAL A 80 8.46 4.76 8.79
N SER A 81 8.46 4.08 9.92
CA SER A 81 7.26 3.94 10.72
C SER A 81 6.97 5.22 11.49
N LYS A 82 5.69 5.51 11.67
CA LYS A 82 5.29 6.68 12.40
C LYS A 82 5.34 6.40 13.89
N ARG A 83 6.00 7.26 14.63
CA ARG A 83 6.10 7.10 16.06
C ARG A 83 5.17 8.06 16.77
N GLY A 17 7.80 -9.74 -1.64
CA GLY A 17 8.47 -8.48 -2.00
C GLY A 17 9.63 -8.21 -1.07
N SER A 18 10.63 -7.50 -1.57
CA SER A 18 11.82 -7.22 -0.79
C SER A 18 11.71 -5.90 -0.04
N LEU A 19 10.76 -5.07 -0.42
CA LEU A 19 10.60 -3.78 0.20
C LEU A 19 9.18 -3.62 0.75
N LYS A 20 9.06 -3.02 1.90
CA LYS A 20 7.78 -2.81 2.52
C LYS A 20 7.58 -1.33 2.81
N VAL A 21 6.41 -0.82 2.48
CA VAL A 21 6.12 0.58 2.66
C VAL A 21 5.00 0.73 3.68
N ARG A 22 5.08 1.75 4.51
CA ARG A 22 4.07 1.95 5.54
C ARG A 22 3.13 3.07 5.14
N ALA A 23 1.85 2.82 5.28
CA ALA A 23 0.86 3.84 4.98
C ALA A 23 0.66 4.74 6.18
N LEU A 24 0.81 6.03 6.00
CA LEU A 24 0.66 6.98 7.09
C LEU A 24 -0.78 7.47 7.18
N LYS A 25 -1.52 7.22 6.14
CA LYS A 25 -2.92 7.62 6.08
C LYS A 25 -3.73 6.43 5.60
N ASP A 26 -4.95 6.30 6.08
CA ASP A 26 -5.79 5.16 5.71
C ASP A 26 -6.30 5.33 4.29
N PHE A 27 -5.97 4.40 3.45
CA PHE A 27 -6.39 4.44 2.07
C PHE A 27 -7.54 3.47 1.88
N TRP A 28 -8.70 4.01 1.58
CA TRP A 28 -9.88 3.21 1.43
C TRP A 28 -10.73 3.74 0.29
N ASN A 29 -11.45 2.84 -0.36
CA ASN A 29 -12.32 3.20 -1.46
C ASN A 29 -13.61 2.41 -1.37
N LEU A 30 -14.69 3.03 -1.80
CA LEU A 30 -15.97 2.37 -1.78
C LEU A 30 -16.04 1.37 -2.93
N HIS A 31 -15.58 1.79 -4.10
CA HIS A 31 -15.52 0.95 -5.29
C HIS A 31 -14.57 1.53 -6.32
N ASP A 32 -13.31 1.14 -6.24
CA ASP A 32 -12.32 1.60 -7.20
C ASP A 32 -11.41 0.45 -7.61
N PRO A 33 -11.27 0.21 -8.94
CA PRO A 33 -10.45 -0.90 -9.47
C PRO A 33 -8.94 -0.74 -9.24
N THR A 34 -8.49 0.46 -8.91
CA THR A 34 -7.06 0.69 -8.75
C THR A 34 -6.66 1.02 -7.31
N ALA A 35 -7.54 1.68 -6.58
CA ALA A 35 -7.25 2.09 -5.21
C ALA A 35 -7.00 0.91 -4.29
N LEU A 36 -5.92 1.00 -3.54
CA LEU A 36 -5.54 -0.01 -2.58
C LEU A 36 -6.29 0.23 -1.27
N ASN A 37 -6.48 -0.83 -0.49
CA ASN A 37 -7.10 -0.72 0.81
C ASN A 37 -6.06 -0.98 1.90
N VAL A 38 -5.67 0.07 2.60
CA VAL A 38 -4.65 -0.05 3.63
C VAL A 38 -4.92 0.90 4.80
N ARG A 39 -4.74 0.40 6.01
CA ARG A 39 -4.94 1.20 7.20
C ARG A 39 -3.64 1.90 7.58
N ALA A 40 -3.76 3.02 8.25
CA ALA A 40 -2.61 3.79 8.68
C ALA A 40 -1.76 2.99 9.67
N GLY A 41 -0.49 2.85 9.36
CA GLY A 41 0.40 2.12 10.21
C GLY A 41 0.64 0.72 9.70
N ASP A 42 -0.10 0.32 8.68
CA ASP A 42 0.04 -1.01 8.12
C ASP A 42 1.16 -1.03 7.09
N VAL A 43 1.63 -2.23 6.74
CA VAL A 43 2.73 -2.39 5.82
C VAL A 43 2.28 -2.99 4.49
N ILE A 44 2.64 -2.33 3.42
CA ILE A 44 2.36 -2.79 2.09
C ILE A 44 3.59 -3.51 1.54
N THR A 45 3.40 -4.69 1.00
CA THR A 45 4.51 -5.46 0.50
C THR A 45 4.71 -5.22 -0.99
N VAL A 46 5.77 -4.51 -1.32
CA VAL A 46 6.09 -4.26 -2.71
C VAL A 46 7.27 -5.12 -3.13
N LEU A 47 7.30 -5.51 -4.39
CA LEU A 47 8.39 -6.33 -4.90
C LEU A 47 9.68 -5.52 -4.83
N GLU A 48 9.83 -4.62 -5.80
CA GLU A 48 10.93 -3.68 -5.89
C GLU A 48 10.91 -3.05 -7.26
N GLN A 49 11.08 -1.74 -7.31
CA GLN A 49 11.03 -0.98 -8.54
C GLN A 49 11.24 0.48 -8.25
N HIS A 50 10.65 0.94 -7.14
CA HIS A 50 10.72 2.34 -6.73
C HIS A 50 10.27 3.26 -7.86
N PRO A 51 8.96 3.27 -8.16
CA PRO A 51 8.41 4.11 -9.20
C PRO A 51 8.13 5.51 -8.70
N ASP A 52 7.73 6.39 -9.59
CA ASP A 52 7.44 7.76 -9.22
C ASP A 52 6.02 8.13 -9.61
N GLY A 53 5.26 8.60 -8.64
CA GLY A 53 3.91 9.06 -8.90
C GLY A 53 2.85 8.04 -8.51
N ARG A 54 3.18 6.77 -8.64
CA ARG A 54 2.23 5.72 -8.31
C ARG A 54 2.96 4.47 -7.86
N TRP A 55 2.43 3.84 -6.83
CA TRP A 55 2.99 2.62 -6.30
C TRP A 55 2.09 1.43 -6.56
N LYS A 56 2.68 0.25 -6.52
CA LYS A 56 1.97 -1.01 -6.71
C LYS A 56 2.46 -2.01 -5.67
N GLY A 57 1.54 -2.53 -4.87
CA GLY A 57 1.95 -3.44 -3.82
C GLY A 57 0.88 -4.44 -3.42
N HIS A 58 1.26 -5.36 -2.54
CA HIS A 58 0.37 -6.37 -2.01
C HIS A 58 0.04 -6.02 -0.56
N ILE A 59 -1.23 -5.98 -0.24
CA ILE A 59 -1.68 -5.64 1.10
C ILE A 59 -2.29 -6.85 1.79
N HIS A 60 -2.28 -6.84 3.12
CA HIS A 60 -2.89 -7.91 3.92
C HIS A 60 -4.32 -8.18 3.45
N GLU A 61 -4.74 -9.41 3.57
CA GLU A 61 -6.07 -9.81 3.17
C GLU A 61 -7.09 -9.46 4.25
N SER A 62 -8.36 -9.54 3.92
CA SER A 62 -9.42 -9.22 4.85
C SER A 62 -10.67 -10.04 4.53
N GLN A 63 -11.78 -9.71 5.19
CA GLN A 63 -13.03 -10.44 5.00
C GLN A 63 -13.60 -10.23 3.59
N ARG A 64 -13.84 -8.98 3.25
CA ARG A 64 -14.42 -8.64 1.95
C ARG A 64 -13.81 -7.35 1.41
N GLY A 65 -13.86 -7.19 0.10
CA GLY A 65 -13.37 -5.99 -0.55
C GLY A 65 -11.86 -5.84 -0.45
N THR A 66 -11.15 -6.90 -0.77
CA THR A 66 -9.71 -6.86 -0.73
C THR A 66 -9.12 -7.59 -1.95
N ASP A 67 -8.12 -6.98 -2.55
CA ASP A 67 -7.43 -7.57 -3.67
C ASP A 67 -5.95 -7.73 -3.34
N ARG A 68 -5.21 -8.42 -4.17
CA ARG A 68 -3.81 -8.66 -3.93
C ARG A 68 -2.97 -7.52 -4.50
N ILE A 69 -3.46 -6.92 -5.57
CA ILE A 69 -2.74 -5.85 -6.23
C ILE A 69 -3.48 -4.54 -6.09
N GLY A 70 -2.82 -3.57 -5.51
CA GLY A 70 -3.42 -2.27 -5.37
C GLY A 70 -2.43 -1.18 -5.64
N TYR A 71 -2.93 -0.07 -6.14
CA TYR A 71 -2.09 1.07 -6.43
C TYR A 71 -2.35 2.16 -5.43
N PHE A 72 -1.30 2.81 -4.99
CA PHE A 72 -1.42 3.83 -3.97
C PHE A 72 -0.50 5.01 -4.25
N PRO A 73 -0.93 6.24 -3.88
CA PRO A 73 -0.13 7.44 -4.07
C PRO A 73 0.99 7.55 -3.04
N PRO A 74 2.22 7.82 -3.51
CA PRO A 74 3.41 7.95 -2.64
C PRO A 74 3.26 9.06 -1.60
N GLY A 75 2.31 9.95 -1.81
CA GLY A 75 2.10 11.06 -0.90
C GLY A 75 1.54 10.63 0.45
N ILE A 76 0.91 9.47 0.52
CA ILE A 76 0.32 9.01 1.77
C ILE A 76 1.11 7.86 2.39
N VAL A 77 2.19 7.46 1.74
CA VAL A 77 3.01 6.36 2.24
C VAL A 77 4.46 6.78 2.43
N GLU A 78 5.12 6.16 3.38
CA GLU A 78 6.52 6.42 3.66
C GLU A 78 7.21 5.16 4.12
N VAL A 79 8.53 5.22 4.23
CA VAL A 79 9.31 4.09 4.70
C VAL A 79 9.05 3.82 6.19
N VAL A 80 9.87 2.98 6.79
CA VAL A 80 9.69 2.59 8.18
C VAL A 80 9.93 3.76 9.14
N SER A 81 10.86 4.65 8.78
CA SER A 81 11.16 5.81 9.60
C SER A 81 10.00 6.81 9.55
N LYS A 82 9.12 6.73 10.52
CA LYS A 82 7.96 7.60 10.60
C LYS A 82 8.19 8.72 11.59
N ARG A 83 7.80 9.93 11.21
CA ARG A 83 7.92 11.09 12.08
C ARG A 83 6.75 11.12 13.05
N GLY A 17 12.49 -8.31 -6.37
CA GLY A 17 12.73 -7.70 -5.04
C GLY A 17 11.43 -7.37 -4.36
N SER A 18 11.50 -7.05 -3.07
CA SER A 18 10.33 -6.69 -2.32
C SER A 18 10.69 -5.71 -1.22
N LEU A 19 9.86 -4.71 -1.05
CA LEU A 19 10.07 -3.69 -0.04
C LEU A 19 8.86 -3.63 0.86
N LYS A 20 8.94 -2.81 1.89
CA LYS A 20 7.84 -2.67 2.82
C LYS A 20 7.75 -1.23 3.31
N VAL A 21 6.55 -0.70 3.31
CA VAL A 21 6.30 0.65 3.76
C VAL A 21 5.10 0.66 4.68
N ARG A 22 4.89 1.76 5.36
CA ARG A 22 3.73 1.90 6.21
C ARG A 22 2.93 3.12 5.81
N ALA A 23 1.63 2.96 5.73
CA ALA A 23 0.75 4.03 5.27
C ALA A 23 0.50 5.06 6.35
N LEU A 24 0.53 6.32 5.97
CA LEU A 24 0.23 7.43 6.87
C LEU A 24 -1.26 7.69 6.87
N LYS A 25 -1.88 7.39 5.76
CA LYS A 25 -3.30 7.58 5.61
C LYS A 25 -3.93 6.30 5.09
N ASP A 26 -5.15 6.05 5.52
CA ASP A 26 -5.91 4.89 5.08
C ASP A 26 -6.34 5.07 3.66
N PHE A 27 -6.23 4.02 2.88
CA PHE A 27 -6.72 4.04 1.53
C PHE A 27 -8.04 3.30 1.53
N TRP A 28 -9.12 4.03 1.33
CA TRP A 28 -10.43 3.44 1.39
C TRP A 28 -11.39 4.18 0.49
N ASN A 29 -11.94 3.47 -0.47
CA ASN A 29 -12.93 4.01 -1.38
C ASN A 29 -13.84 2.91 -1.85
N LEU A 30 -13.25 1.77 -2.18
CA LEU A 30 -13.99 0.59 -2.62
C LEU A 30 -13.24 -0.66 -2.25
N HIS A 31 -13.94 -1.62 -1.69
CA HIS A 31 -13.32 -2.89 -1.36
C HIS A 31 -13.32 -3.78 -2.57
N ASP A 32 -12.32 -3.61 -3.40
CA ASP A 32 -12.20 -4.36 -4.64
C ASP A 32 -10.73 -4.60 -4.95
N PRO A 33 -10.40 -5.75 -5.57
CA PRO A 33 -9.00 -6.10 -5.94
C PRO A 33 -8.32 -5.05 -6.85
N THR A 34 -9.09 -4.09 -7.34
CA THR A 34 -8.52 -3.04 -8.16
C THR A 34 -8.02 -1.88 -7.27
N ALA A 35 -8.38 -1.92 -6.00
CA ALA A 35 -8.00 -0.88 -5.07
C ALA A 35 -7.22 -1.46 -3.89
N LEU A 36 -6.34 -0.67 -3.33
CA LEU A 36 -5.54 -1.11 -2.21
C LEU A 36 -6.25 -0.83 -0.89
N ASN A 37 -6.80 -1.87 -0.30
CA ASN A 37 -7.52 -1.74 0.97
C ASN A 37 -6.55 -1.77 2.14
N VAL A 38 -6.12 -0.60 2.59
CA VAL A 38 -5.15 -0.51 3.68
C VAL A 38 -5.51 0.64 4.62
N ARG A 39 -5.23 0.47 5.89
CA ARG A 39 -5.52 1.50 6.87
C ARG A 39 -4.24 2.15 7.38
N ALA A 40 -4.38 3.33 7.97
CA ALA A 40 -3.24 4.09 8.46
C ALA A 40 -2.46 3.31 9.52
N GLY A 41 -1.16 3.20 9.30
CA GLY A 41 -0.30 2.49 10.23
C GLY A 41 -0.01 1.08 9.80
N ASP A 42 -0.75 0.59 8.81
CA ASP A 42 -0.57 -0.77 8.33
C ASP A 42 0.61 -0.84 7.36
N VAL A 43 1.12 -2.06 7.15
CA VAL A 43 2.27 -2.28 6.31
C VAL A 43 1.87 -2.73 4.91
N ILE A 44 2.63 -2.28 3.92
CA ILE A 44 2.38 -2.64 2.54
C ILE A 44 3.66 -3.16 1.90
N THR A 45 3.58 -4.31 1.26
CA THR A 45 4.72 -4.88 0.58
C THR A 45 4.81 -4.32 -0.83
N VAL A 46 5.80 -3.47 -1.06
CA VAL A 46 5.97 -2.82 -2.35
C VAL A 46 6.89 -3.66 -3.24
N LEU A 47 6.65 -3.62 -4.54
CA LEU A 47 7.48 -4.34 -5.49
C LEU A 47 8.90 -3.77 -5.48
N GLU A 48 9.01 -2.47 -5.74
CA GLU A 48 10.29 -1.77 -5.74
C GLU A 48 10.09 -0.28 -5.99
N GLN A 49 10.92 0.54 -5.35
CA GLN A 49 10.83 1.97 -5.53
C GLN A 49 11.77 2.42 -6.64
N HIS A 50 11.32 2.22 -7.86
CA HIS A 50 12.10 2.60 -9.03
C HIS A 50 11.19 3.27 -10.07
N PRO A 51 10.06 2.62 -10.49
CA PRO A 51 9.12 3.21 -11.42
C PRO A 51 8.14 4.12 -10.67
N ASP A 52 8.39 5.41 -10.74
CA ASP A 52 7.59 6.40 -10.04
C ASP A 52 6.14 6.39 -10.51
N GLY A 53 5.25 6.67 -9.60
CA GLY A 53 3.83 6.69 -9.89
C GLY A 53 3.08 5.81 -8.94
N ARG A 54 1.90 5.38 -9.33
CA ARG A 54 1.11 4.49 -8.50
C ARG A 54 1.61 3.05 -8.67
N TRP A 55 2.42 2.60 -7.73
CA TRP A 55 2.99 1.28 -7.84
C TRP A 55 2.10 0.23 -7.18
N LYS A 56 2.29 -1.02 -7.58
CA LYS A 56 1.51 -2.12 -7.08
C LYS A 56 2.09 -2.67 -5.78
N GLY A 57 1.24 -2.77 -4.77
CA GLY A 57 1.66 -3.29 -3.50
C GLY A 57 0.78 -4.44 -3.04
N HIS A 58 1.33 -5.30 -2.21
CA HIS A 58 0.61 -6.45 -1.69
C HIS A 58 0.55 -6.38 -0.17
N ILE A 59 -0.58 -6.73 0.40
CA ILE A 59 -0.73 -6.74 1.83
C ILE A 59 -0.76 -8.17 2.34
N HIS A 60 -0.09 -8.42 3.47
CA HIS A 60 -0.01 -9.77 4.03
C HIS A 60 -1.17 -10.03 5.02
N GLU A 61 -2.22 -9.26 4.89
CA GLU A 61 -3.40 -9.39 5.74
C GLU A 61 -4.65 -9.33 4.88
N SER A 62 -5.74 -9.92 5.33
CA SER A 62 -6.95 -9.94 4.55
C SER A 62 -8.18 -9.69 5.42
N GLN A 63 -9.07 -8.86 4.91
CA GLN A 63 -10.33 -8.55 5.58
C GLN A 63 -11.46 -8.60 4.55
N ARG A 64 -11.61 -7.52 3.81
CA ARG A 64 -12.59 -7.43 2.76
C ARG A 64 -11.93 -6.92 1.50
N GLY A 65 -12.17 -7.57 0.39
CA GLY A 65 -11.49 -7.22 -0.83
C GLY A 65 -10.45 -8.27 -1.17
N THR A 66 -10.91 -9.46 -1.51
CA THR A 66 -10.06 -10.59 -1.85
C THR A 66 -8.96 -10.21 -2.85
N ASP A 67 -7.77 -10.77 -2.63
CA ASP A 67 -6.59 -10.46 -3.43
C ASP A 67 -6.10 -9.07 -3.13
N ARG A 68 -5.24 -8.97 -2.14
CA ARG A 68 -4.75 -7.70 -1.65
C ARG A 68 -3.64 -7.17 -2.54
N ILE A 69 -4.04 -6.77 -3.73
CA ILE A 69 -3.13 -6.21 -4.71
C ILE A 69 -3.69 -4.90 -5.21
N GLY A 70 -3.03 -3.82 -4.86
CA GLY A 70 -3.51 -2.52 -5.27
C GLY A 70 -2.40 -1.58 -5.60
N TYR A 71 -2.72 -0.56 -6.36
CA TYR A 71 -1.76 0.44 -6.74
C TYR A 71 -1.98 1.71 -5.94
N PHE A 72 -0.92 2.32 -5.48
CA PHE A 72 -1.03 3.49 -4.64
C PHE A 72 0.13 4.45 -4.87
N PRO A 73 -0.06 5.74 -4.59
CA PRO A 73 0.98 6.74 -4.70
C PRO A 73 1.85 6.79 -3.43
N PRO A 74 3.18 6.82 -3.59
CA PRO A 74 4.13 6.85 -2.46
C PRO A 74 3.87 7.99 -1.47
N GLY A 75 3.14 9.01 -1.92
CA GLY A 75 2.86 10.17 -1.09
C GLY A 75 2.09 9.85 0.18
N ILE A 76 1.40 8.72 0.21
CA ILE A 76 0.60 8.37 1.39
C ILE A 76 1.32 7.37 2.29
N VAL A 77 2.56 7.03 1.95
CA VAL A 77 3.31 6.05 2.74
C VAL A 77 4.71 6.54 3.05
N GLU A 78 5.35 5.88 4.01
CA GLU A 78 6.72 6.17 4.36
C GLU A 78 7.46 4.84 4.52
N VAL A 79 8.75 4.84 4.23
CA VAL A 79 9.53 3.64 4.28
C VAL A 79 9.90 3.22 5.71
N VAL A 80 10.13 4.19 6.60
CA VAL A 80 10.53 3.84 7.97
C VAL A 80 10.24 4.96 9.00
N SER A 81 10.07 6.19 8.54
CA SER A 81 9.83 7.31 9.45
C SER A 81 8.37 7.38 9.90
N LYS A 82 7.63 6.31 9.68
CA LYS A 82 6.25 6.26 10.08
C LYS A 82 6.16 5.73 11.52
N ARG A 83 5.48 6.46 12.37
CA ARG A 83 5.28 6.03 13.74
C ARG A 83 3.88 5.49 13.91
N GLY A 17 13.29 -8.86 -4.55
CA GLY A 17 12.55 -7.58 -4.61
C GLY A 17 11.46 -7.52 -3.56
N SER A 18 11.78 -6.94 -2.43
CA SER A 18 10.83 -6.82 -1.35
C SER A 18 11.11 -5.57 -0.53
N LEU A 19 10.21 -4.62 -0.61
CA LEU A 19 10.30 -3.41 0.18
C LEU A 19 8.99 -3.19 0.90
N LYS A 20 9.04 -2.60 2.06
CA LYS A 20 7.85 -2.39 2.84
C LYS A 20 7.67 -0.93 3.20
N VAL A 21 6.47 -0.46 3.05
CA VAL A 21 6.12 0.91 3.38
C VAL A 21 4.97 0.93 4.35
N ARG A 22 4.97 1.90 5.22
CA ARG A 22 3.93 2.02 6.22
C ARG A 22 2.95 3.10 5.82
N ALA A 23 1.68 2.85 6.03
CA ALA A 23 0.65 3.81 5.68
C ALA A 23 0.54 4.88 6.74
N LEU A 24 0.76 6.12 6.34
CA LEU A 24 0.65 7.25 7.25
C LEU A 24 -0.74 7.85 7.20
N LYS A 25 -1.40 7.68 6.07
CA LYS A 25 -2.74 8.18 5.89
C LYS A 25 -3.64 7.05 5.41
N ASP A 26 -4.90 7.07 5.81
CA ASP A 26 -5.84 6.04 5.40
C ASP A 26 -6.33 6.30 3.99
N PHE A 27 -6.13 5.33 3.13
CA PHE A 27 -6.59 5.41 1.77
C PHE A 27 -7.82 4.55 1.65
N TRP A 28 -8.96 5.15 1.42
CA TRP A 28 -10.20 4.43 1.42
C TRP A 28 -10.85 4.43 0.04
N ASN A 29 -10.77 3.30 -0.64
CA ASN A 29 -11.40 3.16 -1.94
C ASN A 29 -12.20 1.88 -1.97
N LEU A 30 -13.51 2.01 -1.92
CA LEU A 30 -14.39 0.87 -1.94
C LEU A 30 -15.10 0.75 -3.28
N HIS A 31 -14.82 1.70 -4.15
CA HIS A 31 -15.42 1.73 -5.48
C HIS A 31 -14.70 0.78 -6.41
N ASP A 32 -13.39 0.76 -6.32
CA ASP A 32 -12.57 -0.09 -7.18
C ASP A 32 -11.64 -0.96 -6.34
N PRO A 33 -11.86 -2.28 -6.35
CA PRO A 33 -11.02 -3.22 -5.60
C PRO A 33 -9.65 -3.41 -6.24
N THR A 34 -9.44 -2.71 -7.34
CA THR A 34 -8.15 -2.74 -8.03
C THR A 34 -7.22 -1.70 -7.40
N ALA A 35 -7.80 -0.78 -6.65
CA ALA A 35 -7.04 0.24 -5.97
C ALA A 35 -6.68 -0.24 -4.58
N LEU A 36 -5.52 0.13 -4.12
CA LEU A 36 -5.07 -0.32 -2.82
C LEU A 36 -5.63 0.56 -1.73
N ASN A 37 -6.52 -0.01 -0.94
CA ASN A 37 -7.11 0.69 0.19
C ASN A 37 -6.41 0.24 1.46
N VAL A 38 -5.82 1.17 2.18
CA VAL A 38 -5.03 0.83 3.34
C VAL A 38 -5.37 1.73 4.52
N ARG A 39 -5.17 1.20 5.71
CA ARG A 39 -5.42 1.94 6.93
C ARG A 39 -4.11 2.44 7.49
N ALA A 40 -4.13 3.59 8.11
CA ALA A 40 -2.92 4.16 8.70
C ALA A 40 -2.38 3.22 9.76
N GLY A 41 -1.11 2.86 9.63
CA GLY A 41 -0.50 1.96 10.57
C GLY A 41 -0.21 0.60 9.97
N ASP A 42 -0.83 0.30 8.84
CA ASP A 42 -0.59 -0.97 8.17
C ASP A 42 0.65 -0.89 7.31
N VAL A 43 1.24 -2.05 7.04
CA VAL A 43 2.45 -2.10 6.24
C VAL A 43 2.17 -2.79 4.91
N ILE A 44 2.69 -2.21 3.84
CA ILE A 44 2.49 -2.72 2.50
C ILE A 44 3.81 -3.19 1.91
N THR A 45 3.82 -4.36 1.31
CA THR A 45 5.02 -4.88 0.70
C THR A 45 4.97 -4.74 -0.81
N VAL A 46 5.93 -4.01 -1.35
CA VAL A 46 6.03 -3.80 -2.77
C VAL A 46 7.17 -4.63 -3.36
N LEU A 47 7.00 -5.09 -4.59
CA LEU A 47 8.02 -5.89 -5.25
C LEU A 47 9.07 -4.97 -5.87
N GLU A 48 8.63 -4.12 -6.78
CA GLU A 48 9.48 -3.16 -7.43
C GLU A 48 9.06 -1.77 -7.01
N GLN A 49 9.93 -1.09 -6.29
CA GLN A 49 9.64 0.23 -5.77
C GLN A 49 9.69 1.31 -6.84
N HIS A 50 8.77 2.24 -6.73
CA HIS A 50 8.71 3.42 -7.60
C HIS A 50 8.34 4.62 -6.74
N PRO A 51 9.35 5.32 -6.18
CA PRO A 51 9.14 6.45 -5.28
C PRO A 51 8.61 7.70 -5.98
N ASP A 52 8.58 7.67 -7.30
CA ASP A 52 8.11 8.80 -8.07
C ASP A 52 6.98 8.36 -8.99
N GLY A 53 5.80 8.92 -8.78
CA GLY A 53 4.67 8.58 -9.58
C GLY A 53 3.67 7.73 -8.82
N ARG A 54 3.68 6.44 -9.09
CA ARG A 54 2.77 5.53 -8.44
C ARG A 54 3.37 4.14 -8.41
N TRP A 55 2.90 3.32 -7.49
CA TRP A 55 3.35 1.95 -7.37
C TRP A 55 2.26 1.05 -6.86
N LYS A 56 2.51 -0.24 -6.91
CA LYS A 56 1.53 -1.23 -6.47
C LYS A 56 2.15 -2.18 -5.47
N GLY A 57 1.37 -2.61 -4.51
CA GLY A 57 1.87 -3.52 -3.51
C GLY A 57 0.76 -4.30 -2.86
N HIS A 58 1.14 -5.24 -2.00
CA HIS A 58 0.16 -6.02 -1.25
C HIS A 58 0.26 -5.71 0.24
N ILE A 59 -0.87 -5.51 0.85
CA ILE A 59 -0.94 -5.14 2.27
C ILE A 59 -0.81 -6.39 3.16
N HIS A 60 -0.26 -6.19 4.35
CA HIS A 60 -0.12 -7.27 5.32
C HIS A 60 -1.45 -7.56 5.98
N GLU A 61 -1.92 -8.77 5.78
CA GLU A 61 -3.18 -9.19 6.34
C GLU A 61 -2.97 -9.66 7.79
N SER A 62 -2.70 -10.95 7.96
CA SER A 62 -2.43 -11.55 9.28
C SER A 62 -3.53 -11.21 10.31
N GLN A 63 -4.73 -10.91 9.81
CA GLN A 63 -5.86 -10.51 10.64
C GLN A 63 -7.10 -10.35 9.78
N ARG A 64 -7.08 -9.33 8.96
CA ARG A 64 -8.16 -9.01 8.04
C ARG A 64 -7.66 -7.94 7.09
N GLY A 65 -8.51 -7.43 6.21
CA GLY A 65 -8.05 -6.41 5.30
C GLY A 65 -7.83 -6.95 3.90
N THR A 66 -8.92 -7.32 3.24
CA THR A 66 -8.86 -7.87 1.90
C THR A 66 -8.05 -6.95 0.96
N ASP A 67 -7.15 -7.57 0.20
CA ASP A 67 -6.28 -6.86 -0.75
C ASP A 67 -5.36 -7.87 -1.44
N ARG A 68 -5.08 -7.64 -2.70
CA ARG A 68 -4.18 -8.52 -3.43
C ARG A 68 -2.99 -7.74 -3.95
N ILE A 69 -3.25 -6.85 -4.88
CA ILE A 69 -2.24 -5.99 -5.45
C ILE A 69 -2.93 -4.73 -5.95
N GLY A 70 -2.60 -3.61 -5.37
CA GLY A 70 -3.22 -2.39 -5.78
C GLY A 70 -2.26 -1.25 -5.90
N TYR A 71 -2.58 -0.32 -6.78
CA TYR A 71 -1.75 0.84 -7.00
C TYR A 71 -2.14 1.97 -6.07
N PHE A 72 -1.16 2.75 -5.66
CA PHE A 72 -1.36 3.85 -4.76
C PHE A 72 -0.21 4.86 -4.89
N PRO A 73 -0.44 6.12 -4.49
CA PRO A 73 0.60 7.14 -4.53
C PRO A 73 1.53 7.06 -3.31
N PRO A 74 2.85 7.12 -3.54
CA PRO A 74 3.87 7.06 -2.47
C PRO A 74 3.70 8.17 -1.42
N GLY A 75 2.91 9.18 -1.75
CA GLY A 75 2.69 10.29 -0.84
C GLY A 75 1.91 9.92 0.41
N ILE A 76 1.18 8.80 0.37
CA ILE A 76 0.38 8.41 1.54
C ILE A 76 1.13 7.43 2.44
N VAL A 77 2.27 6.97 1.98
CA VAL A 77 3.08 6.01 2.74
C VAL A 77 4.47 6.54 2.99
N GLU A 78 5.20 5.85 3.83
CA GLU A 78 6.58 6.18 4.12
C GLU A 78 7.30 4.93 4.63
N VAL A 79 8.59 4.85 4.41
CA VAL A 79 9.36 3.66 4.76
C VAL A 79 9.56 3.54 6.28
N VAL A 80 10.33 4.45 6.85
CA VAL A 80 10.65 4.39 8.28
C VAL A 80 9.85 5.40 9.08
N SER A 81 9.71 6.61 8.54
CA SER A 81 9.02 7.68 9.25
C SER A 81 7.56 7.30 9.54
N LYS A 82 7.16 7.56 10.77
CA LYS A 82 5.83 7.25 11.24
C LYS A 82 4.95 8.49 11.20
N ARG A 83 3.63 8.30 11.17
CA ARG A 83 2.69 9.41 11.14
C ARG A 83 2.70 10.16 12.47
N GLY A 17 14.73 -5.77 -4.09
CA GLY A 17 13.43 -6.47 -4.17
C GLY A 17 12.82 -6.70 -2.81
N SER A 18 11.50 -6.90 -2.79
CA SER A 18 10.74 -7.15 -1.56
C SER A 18 11.02 -6.11 -0.47
N LEU A 19 10.34 -4.99 -0.56
CA LEU A 19 10.47 -3.92 0.41
C LEU A 19 9.13 -3.67 1.06
N LYS A 20 9.09 -2.82 2.06
CA LYS A 20 7.85 -2.51 2.72
C LYS A 20 7.79 -1.08 3.21
N VAL A 21 6.61 -0.50 3.12
CA VAL A 21 6.37 0.85 3.58
C VAL A 21 5.13 0.84 4.46
N ARG A 22 4.93 1.89 5.22
CA ARG A 22 3.76 1.97 6.07
C ARG A 22 2.86 3.08 5.59
N ALA A 23 1.57 2.87 5.71
CA ALA A 23 0.60 3.87 5.34
C ALA A 23 0.42 4.86 6.49
N LEU A 24 0.74 6.11 6.24
CA LEU A 24 0.60 7.15 7.27
C LEU A 24 -0.74 7.83 7.15
N LYS A 25 -1.47 7.48 6.10
CA LYS A 25 -2.78 8.01 5.85
C LYS A 25 -3.66 6.86 5.36
N ASP A 26 -4.94 6.89 5.70
CA ASP A 26 -5.86 5.81 5.33
C ASP A 26 -6.31 5.97 3.90
N PHE A 27 -6.06 4.96 3.10
CA PHE A 27 -6.49 5.00 1.73
C PHE A 27 -7.89 4.43 1.66
N TRP A 28 -8.84 5.27 1.36
CA TRP A 28 -10.23 4.88 1.34
C TRP A 28 -10.85 5.30 0.01
N ASN A 29 -10.21 4.86 -1.07
CA ASN A 29 -10.66 5.18 -2.43
C ASN A 29 -12.00 4.52 -2.72
N LEU A 30 -12.01 3.20 -2.66
CA LEU A 30 -13.21 2.44 -2.94
C LEU A 30 -13.04 1.04 -2.35
N HIS A 31 -14.14 0.30 -2.23
CA HIS A 31 -14.08 -1.03 -1.65
C HIS A 31 -14.00 -2.13 -2.71
N ASP A 32 -13.58 -1.75 -3.89
CA ASP A 32 -13.40 -2.71 -4.96
C ASP A 32 -11.97 -3.21 -5.00
N PRO A 33 -11.74 -4.43 -5.51
CA PRO A 33 -10.39 -5.04 -5.55
C PRO A 33 -9.40 -4.24 -6.39
N THR A 34 -9.92 -3.39 -7.26
CA THR A 34 -9.09 -2.55 -8.10
C THR A 34 -8.59 -1.31 -7.33
N ALA A 35 -9.21 -1.04 -6.21
CA ALA A 35 -8.85 0.08 -5.37
C ALA A 35 -8.19 -0.40 -4.10
N LEU A 36 -7.13 0.27 -3.71
CA LEU A 36 -6.42 -0.12 -2.51
C LEU A 36 -7.03 0.52 -1.27
N ASN A 37 -7.63 -0.29 -0.44
CA ASN A 37 -8.19 0.17 0.81
C ASN A 37 -7.30 -0.29 1.96
N VAL A 38 -6.50 0.61 2.47
CA VAL A 38 -5.57 0.28 3.53
C VAL A 38 -5.70 1.26 4.69
N ARG A 39 -5.46 0.77 5.90
CA ARG A 39 -5.57 1.60 7.08
C ARG A 39 -4.22 2.15 7.48
N ALA A 40 -4.22 3.33 8.08
CA ALA A 40 -3.02 3.96 8.55
C ALA A 40 -2.37 3.07 9.61
N GLY A 41 -1.11 2.77 9.39
CA GLY A 41 -0.40 1.91 10.32
C GLY A 41 -0.09 0.56 9.71
N ASP A 42 -0.81 0.19 8.65
CA ASP A 42 -0.58 -1.10 7.98
C ASP A 42 0.66 -1.04 7.11
N VAL A 43 1.25 -2.20 6.86
CA VAL A 43 2.45 -2.29 6.04
C VAL A 43 2.13 -2.77 4.63
N ILE A 44 2.69 -2.10 3.66
CA ILE A 44 2.52 -2.46 2.27
C ILE A 44 3.82 -3.03 1.74
N THR A 45 3.79 -4.28 1.35
CA THR A 45 4.97 -4.95 0.85
C THR A 45 5.05 -4.80 -0.67
N VAL A 46 6.05 -4.10 -1.13
CA VAL A 46 6.22 -3.89 -2.55
C VAL A 46 7.29 -4.81 -3.12
N LEU A 47 7.06 -5.29 -4.32
CA LEU A 47 8.02 -6.17 -4.98
C LEU A 47 9.24 -5.34 -5.39
N GLU A 48 9.03 -4.43 -6.32
CA GLU A 48 10.03 -3.49 -6.78
C GLU A 48 9.44 -2.57 -7.83
N GLN A 49 9.32 -1.31 -7.50
CA GLN A 49 8.74 -0.35 -8.41
C GLN A 49 9.19 1.05 -8.04
N HIS A 50 9.63 1.81 -9.03
CA HIS A 50 10.02 3.18 -8.83
C HIS A 50 8.81 4.01 -8.39
N PRO A 51 8.87 4.56 -7.17
CA PRO A 51 7.75 5.33 -6.61
C PRO A 51 7.57 6.68 -7.27
N ASP A 52 6.66 6.75 -8.21
CA ASP A 52 6.31 8.00 -8.89
C ASP A 52 4.87 7.94 -9.33
N GLY A 53 4.12 8.99 -8.99
CA GLY A 53 2.71 9.03 -9.31
C GLY A 53 1.92 8.06 -8.45
N ARG A 54 1.82 6.83 -8.90
CA ARG A 54 1.16 5.78 -8.18
C ARG A 54 1.79 4.45 -8.54
N TRP A 55 2.12 3.67 -7.54
CA TRP A 55 2.82 2.42 -7.76
C TRP A 55 2.08 1.24 -7.13
N LYS A 56 2.48 0.03 -7.51
CA LYS A 56 1.82 -1.18 -7.04
C LYS A 56 2.43 -1.68 -5.74
N GLY A 57 1.58 -2.15 -4.85
CA GLY A 57 2.02 -2.70 -3.59
C GLY A 57 1.17 -3.87 -3.17
N HIS A 58 1.72 -4.73 -2.36
CA HIS A 58 1.00 -5.92 -1.92
C HIS A 58 0.68 -5.81 -0.43
N ILE A 59 -0.60 -5.87 -0.11
CA ILE A 59 -1.05 -5.78 1.26
C ILE A 59 -1.02 -7.15 1.92
N HIS A 60 -0.28 -7.26 2.99
CA HIS A 60 -0.22 -8.49 3.75
C HIS A 60 -0.95 -8.27 5.06
N GLU A 61 -2.22 -8.58 5.07
CA GLU A 61 -3.07 -8.34 6.22
C GLU A 61 -2.80 -9.36 7.33
N SER A 62 -2.67 -8.87 8.55
CA SER A 62 -2.39 -9.73 9.70
C SER A 62 -3.68 -10.29 10.31
N GLN A 63 -4.82 -9.72 9.93
CA GLN A 63 -6.11 -10.12 10.51
C GLN A 63 -6.61 -11.46 9.96
N ARG A 64 -7.16 -11.44 8.76
CA ARG A 64 -7.71 -12.66 8.15
C ARG A 64 -6.62 -13.42 7.41
N GLY A 65 -5.43 -12.85 7.38
CA GLY A 65 -4.32 -13.47 6.69
C GLY A 65 -4.56 -13.52 5.20
N THR A 66 -4.90 -12.38 4.63
CA THR A 66 -5.14 -12.31 3.21
C THR A 66 -4.15 -11.34 2.56
N ASP A 67 -3.96 -11.49 1.27
CA ASP A 67 -3.02 -10.67 0.53
C ASP A 67 -3.70 -10.04 -0.66
N ARG A 68 -3.55 -8.74 -0.83
CA ARG A 68 -4.15 -8.04 -1.95
C ARG A 68 -3.19 -7.05 -2.58
N ILE A 69 -3.08 -7.07 -3.89
CA ILE A 69 -2.21 -6.14 -4.60
C ILE A 69 -3.03 -4.99 -5.20
N GLY A 70 -2.50 -3.79 -5.13
CA GLY A 70 -3.17 -2.63 -5.68
C GLY A 70 -2.20 -1.51 -5.92
N TYR A 71 -2.69 -0.40 -6.43
CA TYR A 71 -1.85 0.75 -6.69
C TYR A 71 -2.19 1.89 -5.73
N PHE A 72 -1.17 2.62 -5.32
CA PHE A 72 -1.34 3.70 -4.37
C PHE A 72 -0.31 4.81 -4.61
N PRO A 73 -0.62 6.05 -4.16
CA PRO A 73 0.29 7.17 -4.28
C PRO A 73 1.33 7.17 -3.16
N PRO A 74 2.63 7.33 -3.49
CA PRO A 74 3.71 7.32 -2.51
C PRO A 74 3.58 8.45 -1.48
N GLY A 75 2.73 9.43 -1.78
CA GLY A 75 2.53 10.55 -0.89
C GLY A 75 1.80 10.18 0.40
N ILE A 76 1.10 9.04 0.41
CA ILE A 76 0.36 8.64 1.61
C ILE A 76 1.11 7.58 2.41
N VAL A 77 2.31 7.22 1.95
CA VAL A 77 3.09 6.21 2.63
C VAL A 77 4.50 6.69 2.91
N GLU A 78 5.18 5.97 3.78
CA GLU A 78 6.56 6.24 4.12
C GLU A 78 7.16 5.00 4.74
N VAL A 79 8.47 4.84 4.59
CA VAL A 79 9.15 3.68 5.13
C VAL A 79 9.12 3.69 6.67
N VAL A 80 9.32 4.86 7.26
CA VAL A 80 9.28 5.02 8.71
C VAL A 80 8.98 6.47 9.09
N SER A 81 7.90 6.65 9.85
CA SER A 81 7.47 7.99 10.29
C SER A 81 6.46 7.89 11.44
N LYS A 82 5.78 6.74 11.55
CA LYS A 82 4.80 6.53 12.60
C LYS A 82 5.48 6.54 13.96
N ARG A 83 5.06 7.43 14.82
CA ARG A 83 5.61 7.54 16.15
C ARG A 83 4.65 6.92 17.14
N GLY A 17 12.44 -5.91 -6.64
CA GLY A 17 12.97 -5.85 -5.27
C GLY A 17 11.89 -5.61 -4.24
N SER A 18 11.75 -6.53 -3.30
CA SER A 18 10.73 -6.42 -2.28
C SER A 18 11.09 -5.38 -1.23
N LEU A 19 10.14 -4.55 -0.88
CA LEU A 19 10.36 -3.51 0.12
C LEU A 19 9.10 -3.33 0.95
N LYS A 20 9.24 -2.81 2.14
CA LYS A 20 8.09 -2.58 3.01
C LYS A 20 7.89 -1.10 3.23
N VAL A 21 6.66 -0.65 3.10
CA VAL A 21 6.32 0.74 3.35
C VAL A 21 5.13 0.82 4.28
N ARG A 22 5.04 1.90 5.02
CA ARG A 22 3.95 2.06 5.96
C ARG A 22 2.95 3.06 5.44
N ALA A 23 1.68 2.75 5.59
CA ALA A 23 0.62 3.64 5.16
C ALA A 23 0.37 4.70 6.21
N LEU A 24 0.73 5.93 5.89
CA LEU A 24 0.57 7.03 6.81
C LEU A 24 -0.88 7.49 6.83
N LYS A 25 -1.56 7.25 5.73
CA LYS A 25 -2.96 7.61 5.61
C LYS A 25 -3.74 6.45 5.04
N ASP A 26 -5.05 6.49 5.20
CA ASP A 26 -5.91 5.42 4.71
C ASP A 26 -6.11 5.55 3.21
N PHE A 27 -6.34 4.44 2.57
CA PHE A 27 -6.59 4.44 1.14
C PHE A 27 -7.68 3.44 0.82
N TRP A 28 -8.81 3.92 0.37
CA TRP A 28 -9.93 3.06 0.03
C TRP A 28 -10.68 3.62 -1.16
N ASN A 29 -10.44 3.05 -2.31
CA ASN A 29 -11.12 3.45 -3.52
C ASN A 29 -12.10 2.37 -3.92
N LEU A 30 -13.34 2.74 -4.17
CA LEU A 30 -14.36 1.77 -4.52
C LEU A 30 -14.82 1.90 -5.96
N HIS A 31 -14.14 2.75 -6.72
CA HIS A 31 -14.48 2.92 -8.12
C HIS A 31 -13.66 1.97 -8.97
N ASP A 32 -12.39 1.83 -8.65
CA ASP A 32 -11.51 0.93 -9.38
C ASP A 32 -11.31 -0.36 -8.59
N PRO A 33 -11.63 -1.51 -9.17
CA PRO A 33 -11.45 -2.81 -8.52
C PRO A 33 -9.97 -3.11 -8.28
N THR A 34 -9.13 -2.56 -9.14
CA THR A 34 -7.69 -2.77 -9.06
C THR A 34 -7.03 -1.80 -8.06
N ALA A 35 -7.82 -0.90 -7.49
CA ALA A 35 -7.30 0.05 -6.53
C ALA A 35 -6.91 -0.64 -5.24
N LEU A 36 -5.92 -0.10 -4.56
CA LEU A 36 -5.46 -0.68 -3.31
C LEU A 36 -6.34 -0.26 -2.15
N ASN A 37 -6.38 -1.08 -1.14
CA ASN A 37 -7.09 -0.77 0.09
C ASN A 37 -6.14 -0.97 1.26
N VAL A 38 -5.90 0.09 2.01
CA VAL A 38 -4.99 -0.02 3.14
C VAL A 38 -5.45 0.86 4.29
N ARG A 39 -5.21 0.39 5.49
CA ARG A 39 -5.57 1.12 6.70
C ARG A 39 -4.36 1.90 7.19
N ALA A 40 -4.59 3.10 7.69
CA ALA A 40 -3.50 3.90 8.22
C ALA A 40 -2.79 3.16 9.34
N GLY A 41 -1.50 2.97 9.18
CA GLY A 41 -0.72 2.27 10.17
C GLY A 41 -0.32 0.87 9.74
N ASP A 42 -0.88 0.39 8.65
CA ASP A 42 -0.56 -0.96 8.16
C ASP A 42 0.67 -0.92 7.27
N VAL A 43 1.21 -2.08 6.94
CA VAL A 43 2.42 -2.17 6.15
C VAL A 43 2.16 -2.82 4.79
N ILE A 44 2.60 -2.15 3.74
CA ILE A 44 2.42 -2.65 2.39
C ILE A 44 3.70 -3.31 1.91
N THR A 45 3.57 -4.53 1.40
CA THR A 45 4.71 -5.24 0.88
C THR A 45 4.77 -5.10 -0.63
N VAL A 46 5.74 -4.34 -1.10
CA VAL A 46 5.88 -4.12 -2.52
C VAL A 46 6.83 -5.13 -3.13
N LEU A 47 6.49 -5.61 -4.32
CA LEU A 47 7.35 -6.55 -5.04
C LEU A 47 8.44 -5.79 -5.76
N GLU A 48 8.26 -4.49 -5.83
CA GLU A 48 9.18 -3.60 -6.49
C GLU A 48 8.96 -2.19 -5.95
N GLN A 49 10.03 -1.44 -5.80
CA GLN A 49 9.92 -0.08 -5.29
C GLN A 49 9.27 0.85 -6.30
N HIS A 50 9.51 0.58 -7.59
CA HIS A 50 8.92 1.38 -8.69
C HIS A 50 9.47 2.81 -8.73
N PRO A 51 9.40 3.48 -9.89
CA PRO A 51 9.79 4.87 -10.01
C PRO A 51 8.89 5.74 -9.14
N ASP A 52 9.46 6.71 -8.45
CA ASP A 52 8.69 7.56 -7.56
C ASP A 52 7.64 8.36 -8.35
N GLY A 53 6.40 8.12 -8.00
CA GLY A 53 5.28 8.76 -8.65
C GLY A 53 4.01 8.00 -8.39
N ARG A 54 4.10 6.68 -8.49
CA ARG A 54 2.98 5.79 -8.21
C ARG A 54 3.49 4.40 -7.88
N TRP A 55 3.11 3.91 -6.71
CA TRP A 55 3.57 2.62 -6.24
C TRP A 55 2.59 1.52 -6.58
N LYS A 56 2.99 0.28 -6.28
CA LYS A 56 2.18 -0.90 -6.50
C LYS A 56 2.65 -1.99 -5.56
N GLY A 57 1.81 -2.38 -4.62
CA GLY A 57 2.21 -3.32 -3.59
C GLY A 57 1.10 -4.25 -3.17
N HIS A 58 1.44 -5.18 -2.28
CA HIS A 58 0.48 -6.17 -1.76
C HIS A 58 0.13 -5.82 -0.33
N ILE A 59 -1.14 -5.91 0.00
CA ILE A 59 -1.60 -5.58 1.34
C ILE A 59 -2.49 -6.70 1.90
N HIS A 60 -2.47 -6.86 3.22
CA HIS A 60 -3.31 -7.87 3.88
C HIS A 60 -4.61 -7.27 4.38
N GLU A 61 -4.88 -6.03 3.98
CA GLU A 61 -6.09 -5.34 4.34
C GLU A 61 -7.27 -6.05 3.71
N SER A 62 -7.04 -6.63 2.54
CA SER A 62 -8.06 -7.39 1.87
C SER A 62 -8.46 -8.59 2.74
N GLN A 63 -9.69 -8.57 3.23
CA GLN A 63 -10.20 -9.59 4.14
C GLN A 63 -10.22 -10.97 3.50
N ARG A 64 -10.11 -11.02 2.18
CA ARG A 64 -10.10 -12.28 1.44
C ARG A 64 -8.89 -13.16 1.84
N GLY A 65 -7.91 -12.56 2.51
CA GLY A 65 -6.79 -13.32 3.03
C GLY A 65 -5.53 -13.21 2.19
N THR A 66 -5.65 -13.46 0.91
CA THR A 66 -4.50 -13.43 0.02
C THR A 66 -3.94 -12.02 -0.15
N ASP A 67 -2.66 -11.94 -0.43
CA ASP A 67 -1.98 -10.67 -0.66
C ASP A 67 -2.43 -10.06 -1.97
N ARG A 68 -3.44 -9.21 -1.90
CA ARG A 68 -3.95 -8.58 -3.09
C ARG A 68 -3.03 -7.45 -3.55
N ILE A 69 -2.89 -7.32 -4.85
CA ILE A 69 -2.04 -6.31 -5.43
C ILE A 69 -2.84 -5.05 -5.78
N GLY A 70 -2.26 -3.90 -5.55
CA GLY A 70 -2.91 -2.66 -5.88
C GLY A 70 -1.94 -1.52 -5.98
N TYR A 71 -2.32 -0.46 -6.68
CA TYR A 71 -1.45 0.70 -6.82
C TYR A 71 -1.88 1.80 -5.88
N PHE A 72 -0.93 2.63 -5.47
CA PHE A 72 -1.21 3.69 -4.52
C PHE A 72 -0.24 4.86 -4.68
N PRO A 73 -0.68 6.08 -4.34
CA PRO A 73 0.17 7.27 -4.42
C PRO A 73 1.20 7.34 -3.28
N PRO A 74 2.47 7.64 -3.61
CA PRO A 74 3.56 7.70 -2.63
C PRO A 74 3.34 8.76 -1.55
N GLY A 75 2.45 9.69 -1.83
CA GLY A 75 2.15 10.76 -0.90
C GLY A 75 1.56 10.28 0.42
N ILE A 76 1.02 9.06 0.43
CA ILE A 76 0.39 8.54 1.64
C ILE A 76 1.22 7.44 2.31
N VAL A 77 2.42 7.19 1.80
CA VAL A 77 3.26 6.15 2.36
C VAL A 77 4.69 6.63 2.60
N GLU A 78 5.40 5.89 3.43
CA GLU A 78 6.80 6.17 3.71
C GLU A 78 7.44 4.92 4.30
N VAL A 79 8.77 4.85 4.27
CA VAL A 79 9.49 3.69 4.80
C VAL A 79 9.26 3.51 6.30
N VAL A 80 8.92 4.59 6.98
CA VAL A 80 8.65 4.55 8.42
C VAL A 80 7.36 5.29 8.73
N SER A 81 7.02 5.36 10.01
CA SER A 81 5.81 6.06 10.43
C SER A 81 6.01 7.57 10.29
N LYS A 82 4.91 8.31 10.26
CA LYS A 82 4.97 9.76 10.09
C LYS A 82 5.67 10.41 11.29
N ARG A 83 5.48 9.83 12.46
CA ARG A 83 6.10 10.33 13.66
C ARG A 83 6.45 9.16 14.58
N GLY A 17 13.94 -8.46 -5.03
CA GLY A 17 13.79 -7.59 -3.86
C GLY A 17 12.39 -7.61 -3.29
N SER A 18 12.25 -7.11 -2.08
CA SER A 18 10.97 -7.00 -1.41
C SER A 18 11.06 -6.01 -0.26
N LEU A 19 10.44 -4.86 -0.44
CA LEU A 19 10.49 -3.81 0.57
C LEU A 19 9.10 -3.56 1.16
N LYS A 20 9.05 -2.82 2.24
CA LYS A 20 7.78 -2.54 2.88
C LYS A 20 7.63 -1.05 3.13
N VAL A 21 6.43 -0.56 2.94
CA VAL A 21 6.13 0.84 3.19
C VAL A 21 4.99 0.93 4.20
N ARG A 22 5.05 1.93 5.05
CA ARG A 22 4.04 2.12 6.08
C ARG A 22 3.08 3.21 5.66
N ALA A 23 1.79 2.92 5.74
CA ALA A 23 0.78 3.89 5.34
C ALA A 23 0.45 4.82 6.50
N LEU A 24 0.69 6.11 6.29
CA LEU A 24 0.37 7.12 7.31
C LEU A 24 -1.02 7.64 7.06
N LYS A 25 -1.46 7.52 5.82
CA LYS A 25 -2.79 7.93 5.43
C LYS A 25 -3.55 6.71 4.95
N ASP A 26 -4.85 6.69 5.20
CA ASP A 26 -5.68 5.58 4.80
C ASP A 26 -6.04 5.69 3.32
N PHE A 27 -5.96 4.59 2.62
CA PHE A 27 -6.40 4.55 1.25
C PHE A 27 -7.77 3.93 1.24
N TRP A 28 -8.76 4.72 0.90
CA TRP A 28 -10.13 4.30 1.00
C TRP A 28 -10.54 3.38 -0.15
N ASN A 29 -11.69 2.74 0.02
CA ASN A 29 -12.24 1.83 -0.96
C ASN A 29 -12.82 2.56 -2.16
N LEU A 30 -12.48 2.09 -3.35
CA LEU A 30 -13.00 2.67 -4.59
C LEU A 30 -13.98 1.71 -5.24
N HIS A 31 -14.57 2.12 -6.34
CA HIS A 31 -15.57 1.29 -7.03
C HIS A 31 -14.92 0.25 -7.94
N ASP A 32 -13.90 -0.42 -7.43
CA ASP A 32 -13.19 -1.45 -8.19
C ASP A 32 -12.42 -2.35 -7.22
N PRO A 33 -12.43 -3.68 -7.45
CA PRO A 33 -11.73 -4.65 -6.59
C PRO A 33 -10.22 -4.41 -6.48
N THR A 34 -9.64 -3.66 -7.42
CA THR A 34 -8.22 -3.39 -7.40
C THR A 34 -7.88 -2.26 -6.41
N ALA A 35 -8.91 -1.75 -5.73
CA ALA A 35 -8.71 -0.72 -4.74
C ALA A 35 -7.94 -1.28 -3.56
N LEU A 36 -6.84 -0.64 -3.23
CA LEU A 36 -6.00 -1.10 -2.15
C LEU A 36 -6.44 -0.50 -0.83
N ASN A 37 -7.38 -1.15 -0.17
CA ASN A 37 -7.89 -0.66 1.09
C ASN A 37 -6.88 -0.89 2.22
N VAL A 38 -6.12 0.14 2.53
CA VAL A 38 -5.15 0.07 3.57
C VAL A 38 -5.40 1.16 4.59
N ARG A 39 -5.24 0.83 5.85
CA ARG A 39 -5.50 1.75 6.92
C ARG A 39 -4.19 2.36 7.42
N ALA A 40 -4.29 3.52 8.03
CA ALA A 40 -3.13 4.17 8.60
C ALA A 40 -2.52 3.30 9.68
N GLY A 41 -1.28 2.93 9.51
CA GLY A 41 -0.61 2.07 10.45
C GLY A 41 -0.31 0.70 9.86
N ASP A 42 -0.97 0.36 8.75
CA ASP A 42 -0.74 -0.92 8.09
C ASP A 42 0.44 -0.82 7.14
N VAL A 43 0.99 -1.96 6.75
CA VAL A 43 2.15 -1.98 5.88
C VAL A 43 1.84 -2.60 4.52
N ILE A 44 2.48 -2.06 3.49
CA ILE A 44 2.34 -2.57 2.14
C ILE A 44 3.69 -3.08 1.66
N THR A 45 3.73 -4.27 1.11
CA THR A 45 4.96 -4.82 0.62
C THR A 45 5.08 -4.62 -0.89
N VAL A 46 6.13 -3.92 -1.27
CA VAL A 46 6.40 -3.67 -2.67
C VAL A 46 7.53 -4.55 -3.14
N LEU A 47 7.48 -4.97 -4.39
CA LEU A 47 8.50 -5.84 -4.93
C LEU A 47 9.83 -5.10 -5.06
N GLU A 48 9.96 -4.28 -6.07
CA GLU A 48 11.18 -3.52 -6.29
C GLU A 48 10.94 -2.40 -7.28
N GLN A 49 10.73 -1.21 -6.75
CA GLN A 49 10.47 -0.04 -7.56
C GLN A 49 10.66 1.20 -6.71
N HIS A 50 10.98 2.32 -7.33
CA HIS A 50 11.14 3.57 -6.62
C HIS A 50 9.81 4.33 -6.58
N PRO A 51 9.51 5.03 -5.47
CA PRO A 51 8.26 5.78 -5.29
C PRO A 51 8.22 7.09 -6.11
N ASP A 52 8.55 7.00 -7.37
CA ASP A 52 8.59 8.16 -8.25
C ASP A 52 7.35 8.21 -9.14
N GLY A 53 6.20 7.97 -8.53
CA GLY A 53 4.95 7.96 -9.24
C GLY A 53 3.98 6.99 -8.60
N ARG A 54 2.71 7.01 -9.02
CA ARG A 54 1.73 6.09 -8.47
C ARG A 54 2.14 4.66 -8.81
N TRP A 55 2.06 3.79 -7.83
CA TRP A 55 2.50 2.42 -8.02
C TRP A 55 1.55 1.46 -7.33
N LYS A 56 1.84 0.17 -7.43
CA LYS A 56 1.00 -0.83 -6.83
C LYS A 56 1.80 -1.68 -5.85
N GLY A 57 1.14 -2.10 -4.79
CA GLY A 57 1.80 -2.89 -3.78
C GLY A 57 0.98 -4.08 -3.37
N HIS A 58 1.62 -5.01 -2.68
CA HIS A 58 0.97 -6.22 -2.23
C HIS A 58 0.81 -6.19 -0.70
N ILE A 59 -0.42 -6.31 -0.24
CA ILE A 59 -0.71 -6.25 1.17
C ILE A 59 -0.97 -7.63 1.77
N HIS A 60 -0.39 -7.85 2.93
CA HIS A 60 -0.58 -9.04 3.72
C HIS A 60 -0.53 -8.66 5.19
N GLU A 61 -1.69 -8.61 5.81
CA GLU A 61 -1.80 -8.16 7.18
C GLU A 61 -1.37 -9.26 8.16
N SER A 62 -1.60 -9.01 9.46
CA SER A 62 -1.21 -9.94 10.51
C SER A 62 -1.95 -11.28 10.38
N GLN A 63 -3.08 -11.27 9.72
CA GLN A 63 -3.84 -12.49 9.49
C GLN A 63 -3.29 -13.20 8.27
N ARG A 64 -2.74 -14.39 8.47
CA ARG A 64 -2.21 -15.17 7.35
C ARG A 64 -3.31 -15.58 6.41
N GLY A 65 -3.02 -15.56 5.13
CA GLY A 65 -4.00 -15.92 4.13
C GLY A 65 -4.53 -14.70 3.40
N THR A 66 -4.39 -13.54 4.03
CA THR A 66 -4.82 -12.30 3.42
C THR A 66 -3.93 -11.96 2.23
N ASP A 67 -4.52 -11.52 1.14
CA ASP A 67 -3.77 -11.26 -0.06
C ASP A 67 -4.49 -10.25 -0.96
N ARG A 68 -3.83 -9.15 -1.25
CA ARG A 68 -4.39 -8.14 -2.14
C ARG A 68 -3.29 -7.28 -2.75
N ILE A 69 -3.45 -6.96 -4.03
CA ILE A 69 -2.53 -6.07 -4.72
C ILE A 69 -3.33 -4.93 -5.33
N GLY A 70 -2.88 -3.70 -5.11
CA GLY A 70 -3.60 -2.56 -5.63
C GLY A 70 -2.73 -1.35 -5.80
N TYR A 71 -3.24 -0.35 -6.49
CA TYR A 71 -2.50 0.88 -6.75
C TYR A 71 -2.68 1.89 -5.63
N PHE A 72 -1.64 2.67 -5.37
CA PHE A 72 -1.68 3.69 -4.34
C PHE A 72 -0.59 4.74 -4.60
N PRO A 73 -0.80 5.97 -4.13
CA PRO A 73 0.19 7.05 -4.25
C PRO A 73 1.28 6.93 -3.18
N PRO A 74 2.55 7.06 -3.58
CA PRO A 74 3.70 6.94 -2.67
C PRO A 74 3.72 8.02 -1.59
N GLY A 75 2.92 9.06 -1.80
CA GLY A 75 2.86 10.16 -0.86
C GLY A 75 2.14 9.81 0.43
N ILE A 76 1.35 8.75 0.42
CA ILE A 76 0.60 8.38 1.62
C ILE A 76 1.34 7.37 2.47
N VAL A 77 2.49 6.92 1.97
CA VAL A 77 3.29 5.94 2.68
C VAL A 77 4.67 6.49 2.97
N GLU A 78 5.36 5.83 3.89
CA GLU A 78 6.71 6.19 4.25
C GLU A 78 7.50 4.95 4.62
N VAL A 79 8.79 4.97 4.32
CA VAL A 79 9.65 3.83 4.62
C VAL A 79 10.19 3.96 6.04
N VAL A 80 10.42 5.20 6.46
CA VAL A 80 10.93 5.48 7.79
C VAL A 80 9.83 5.26 8.83
N SER A 81 10.21 5.05 10.08
CA SER A 81 9.25 4.81 11.14
C SER A 81 8.51 6.09 11.52
N LYS A 82 7.27 6.20 11.04
CA LYS A 82 6.33 7.31 11.35
C LYS A 82 6.98 8.70 11.25
N ARG A 83 7.86 8.89 10.27
CA ARG A 83 8.50 10.17 10.07
C ARG A 83 7.71 10.98 9.06
N GLY A 17 13.81 -9.98 -2.59
CA GLY A 17 13.58 -8.52 -2.54
C GLY A 17 12.12 -8.17 -2.31
N SER A 18 11.79 -7.84 -1.08
CA SER A 18 10.45 -7.46 -0.71
C SER A 18 10.50 -6.34 0.33
N LEU A 19 10.43 -5.12 -0.15
CA LEU A 19 10.49 -3.97 0.73
C LEU A 19 9.10 -3.68 1.26
N LYS A 20 9.03 -2.97 2.36
CA LYS A 20 7.75 -2.64 2.92
C LYS A 20 7.68 -1.16 3.25
N VAL A 21 6.56 -0.57 2.92
CA VAL A 21 6.33 0.82 3.20
C VAL A 21 5.17 0.93 4.17
N ARG A 22 5.26 1.87 5.09
CA ARG A 22 4.23 2.01 6.08
C ARG A 22 3.31 3.14 5.73
N ALA A 23 2.02 2.90 5.80
CA ALA A 23 1.03 3.89 5.48
C ALA A 23 0.81 4.87 6.62
N LEU A 24 1.12 6.13 6.38
CA LEU A 24 0.90 7.16 7.36
C LEU A 24 -0.49 7.73 7.19
N LYS A 25 -1.03 7.54 6.01
CA LYS A 25 -2.37 7.99 5.70
C LYS A 25 -3.16 6.82 5.15
N ASP A 26 -4.45 6.80 5.41
CA ASP A 26 -5.30 5.69 4.99
C ASP A 26 -5.67 5.82 3.53
N PHE A 27 -5.95 4.70 2.92
CA PHE A 27 -6.41 4.65 1.55
C PHE A 27 -7.57 3.67 1.47
N TRP A 28 -8.77 4.19 1.25
CA TRP A 28 -9.96 3.35 1.22
C TRP A 28 -11.19 4.17 0.81
N ASN A 29 -11.96 3.61 -0.10
CA ASN A 29 -13.20 4.23 -0.52
C ASN A 29 -14.34 3.26 -0.32
N LEU A 30 -15.56 3.77 -0.29
CA LEU A 30 -16.72 2.90 -0.18
C LEU A 30 -16.99 2.26 -1.54
N HIS A 31 -16.27 2.74 -2.54
CA HIS A 31 -16.35 2.21 -3.89
C HIS A 31 -14.94 1.85 -4.34
N ASP A 32 -14.73 1.81 -5.67
CA ASP A 32 -13.41 1.49 -6.25
C ASP A 32 -13.02 0.04 -5.97
N PRO A 33 -13.36 -0.88 -6.86
CA PRO A 33 -13.08 -2.30 -6.68
C PRO A 33 -11.59 -2.65 -6.84
N THR A 34 -10.83 -1.72 -7.43
CA THR A 34 -9.41 -1.95 -7.67
C THR A 34 -8.56 -1.13 -6.69
N ALA A 35 -9.21 -0.51 -5.73
CA ALA A 35 -8.52 0.32 -4.74
C ALA A 35 -7.74 -0.56 -3.76
N LEU A 36 -6.55 -0.11 -3.43
CA LEU A 36 -5.73 -0.80 -2.47
C LEU A 36 -6.11 -0.38 -1.07
N ASN A 37 -7.03 -1.12 -0.48
CA ASN A 37 -7.51 -0.82 0.86
C ASN A 37 -6.40 -1.01 1.89
N VAL A 38 -5.89 0.09 2.39
CA VAL A 38 -4.84 0.05 3.38
C VAL A 38 -5.14 1.04 4.51
N ARG A 39 -4.95 0.58 5.71
CA ARG A 39 -5.19 1.40 6.89
C ARG A 39 -3.87 1.99 7.37
N ALA A 40 -3.94 3.17 7.93
CA ALA A 40 -2.77 3.84 8.46
C ALA A 40 -2.18 3.02 9.60
N GLY A 41 -0.91 2.72 9.47
CA GLY A 41 -0.25 1.91 10.46
C GLY A 41 0.12 0.56 9.89
N ASP A 42 -0.50 0.18 8.79
CA ASP A 42 -0.18 -1.08 8.13
C ASP A 42 0.98 -0.91 7.18
N VAL A 43 1.56 -2.02 6.77
CA VAL A 43 2.69 -2.00 5.86
C VAL A 43 2.34 -2.69 4.54
N ILE A 44 2.72 -2.05 3.45
CA ILE A 44 2.48 -2.59 2.12
C ILE A 44 3.76 -3.21 1.60
N THR A 45 3.68 -4.45 1.15
CA THR A 45 4.83 -5.14 0.62
C THR A 45 5.04 -4.77 -0.84
N VAL A 46 6.07 -4.00 -1.09
CA VAL A 46 6.40 -3.59 -2.44
C VAL A 46 7.62 -4.34 -2.96
N LEU A 47 7.47 -4.94 -4.12
CA LEU A 47 8.55 -5.71 -4.72
C LEU A 47 9.47 -4.81 -5.55
N GLU A 48 9.06 -3.58 -5.76
CA GLU A 48 9.82 -2.62 -6.52
C GLU A 48 9.54 -1.22 -5.97
N GLN A 49 10.58 -0.57 -5.47
CA GLN A 49 10.43 0.75 -4.89
C GLN A 49 10.30 1.80 -5.99
N HIS A 50 9.09 2.23 -6.24
CA HIS A 50 8.82 3.23 -7.27
C HIS A 50 8.10 4.42 -6.64
N PRO A 51 8.85 5.37 -6.05
CA PRO A 51 8.26 6.50 -5.34
C PRO A 51 7.73 7.62 -6.24
N ASP A 52 7.88 7.47 -7.55
CA ASP A 52 7.41 8.50 -8.46
C ASP A 52 6.18 8.05 -9.22
N GLY A 53 5.04 8.61 -8.84
CA GLY A 53 3.79 8.27 -9.50
C GLY A 53 3.06 7.17 -8.77
N ARG A 54 1.84 6.88 -9.20
CA ARG A 54 1.06 5.82 -8.57
C ARG A 54 1.69 4.47 -8.87
N TRP A 55 1.92 3.69 -7.84
CA TRP A 55 2.57 2.42 -8.00
C TRP A 55 1.75 1.30 -7.38
N LYS A 56 2.06 0.09 -7.79
CA LYS A 56 1.33 -1.08 -7.34
C LYS A 56 2.05 -1.79 -6.20
N GLY A 57 1.30 -2.19 -5.20
CA GLY A 57 1.86 -2.86 -4.06
C GLY A 57 0.99 -4.01 -3.58
N HIS A 58 1.52 -4.78 -2.64
CA HIS A 58 0.81 -5.94 -2.12
C HIS A 58 0.35 -5.69 -0.68
N ILE A 59 -0.92 -5.91 -0.44
CA ILE A 59 -1.49 -5.77 0.89
C ILE A 59 -2.17 -7.07 1.29
N HIS A 60 -2.27 -7.31 2.62
CA HIS A 60 -2.92 -8.52 3.15
C HIS A 60 -2.04 -9.76 2.89
N GLU A 61 -2.36 -10.85 3.56
CA GLU A 61 -1.62 -12.10 3.38
C GLU A 61 -1.83 -12.65 1.97
N SER A 62 -0.87 -13.41 1.49
CA SER A 62 -0.96 -14.00 0.17
C SER A 62 -1.36 -15.45 0.24
N GLN A 63 -2.58 -15.75 -0.17
CA GLN A 63 -3.07 -17.11 -0.19
C GLN A 63 -2.53 -17.86 -1.41
N ARG A 64 -2.91 -19.11 -1.54
CA ARG A 64 -2.41 -19.95 -2.62
C ARG A 64 -3.03 -19.59 -3.95
N GLY A 65 -2.20 -19.15 -4.88
CA GLY A 65 -2.67 -18.86 -6.22
C GLY A 65 -2.85 -17.39 -6.50
N THR A 66 -3.60 -16.70 -5.66
CA THR A 66 -3.88 -15.30 -5.92
C THR A 66 -3.74 -14.46 -4.64
N ASP A 67 -3.52 -13.17 -4.83
CA ASP A 67 -3.41 -12.22 -3.73
C ASP A 67 -3.98 -10.88 -4.18
N ARG A 68 -3.81 -9.84 -3.39
CA ARG A 68 -4.37 -8.56 -3.75
C ARG A 68 -3.29 -7.52 -4.02
N ILE A 69 -3.16 -7.17 -5.28
CA ILE A 69 -2.24 -6.13 -5.71
C ILE A 69 -3.04 -4.90 -6.09
N GLY A 70 -2.67 -3.76 -5.57
CA GLY A 70 -3.40 -2.55 -5.88
C GLY A 70 -2.48 -1.37 -6.06
N TYR A 71 -2.97 -0.35 -6.73
CA TYR A 71 -2.18 0.84 -6.98
C TYR A 71 -2.50 1.90 -5.94
N PHE A 72 -1.48 2.60 -5.51
CA PHE A 72 -1.63 3.63 -4.50
C PHE A 72 -0.61 4.74 -4.71
N PRO A 73 -0.84 5.93 -4.14
CA PRO A 73 0.07 7.04 -4.25
C PRO A 73 1.15 7.03 -3.16
N PRO A 74 2.43 7.22 -3.54
CA PRO A 74 3.56 7.22 -2.60
C PRO A 74 3.45 8.33 -1.55
N GLY A 75 2.57 9.27 -1.80
CA GLY A 75 2.36 10.38 -0.88
C GLY A 75 1.78 9.95 0.47
N ILE A 76 1.17 8.76 0.52
CA ILE A 76 0.56 8.30 1.77
C ILE A 76 1.43 7.27 2.51
N VAL A 77 2.54 6.87 1.91
CA VAL A 77 3.41 5.88 2.52
C VAL A 77 4.84 6.36 2.61
N GLU A 78 5.56 5.88 3.62
CA GLU A 78 6.95 6.22 3.78
C GLU A 78 7.74 5.02 4.29
N VAL A 79 8.98 4.92 3.87
CA VAL A 79 9.88 3.89 4.34
C VAL A 79 11.05 4.52 5.09
N VAL A 80 11.47 5.70 4.63
CA VAL A 80 12.57 6.41 5.28
C VAL A 80 12.09 7.08 6.57
N SER A 81 10.87 7.59 6.55
CA SER A 81 10.30 8.23 7.70
C SER A 81 9.20 7.36 8.29
N LYS A 82 9.58 6.44 9.15
CA LYS A 82 8.62 5.56 9.78
C LYS A 82 8.03 6.22 11.02
N ARG A 83 6.87 6.86 10.83
CA ARG A 83 6.11 7.52 11.89
C ARG A 83 7.01 8.41 12.78
N GLY A 17 12.63 -9.38 -4.61
CA GLY A 17 12.91 -8.86 -3.26
C GLY A 17 11.70 -8.26 -2.61
N SER A 18 11.26 -8.84 -1.51
CA SER A 18 10.09 -8.36 -0.81
C SER A 18 10.46 -7.23 0.15
N LEU A 19 10.08 -6.02 -0.21
CA LEU A 19 10.34 -4.86 0.58
C LEU A 19 9.05 -4.40 1.25
N LYS A 20 9.10 -3.34 2.03
CA LYS A 20 7.91 -2.88 2.71
C LYS A 20 7.95 -1.38 2.99
N VAL A 21 6.79 -0.76 2.90
CA VAL A 21 6.63 0.65 3.21
C VAL A 21 5.47 0.81 4.19
N ARG A 22 5.45 1.89 4.93
CA ARG A 22 4.39 2.10 5.89
C ARG A 22 3.36 3.10 5.36
N ALA A 23 2.10 2.70 5.40
CA ALA A 23 1.03 3.57 4.97
C ALA A 23 0.66 4.54 6.07
N LEU A 24 0.62 5.81 5.74
CA LEU A 24 0.30 6.84 6.72
C LEU A 24 -1.18 7.22 6.63
N LYS A 25 -1.84 6.73 5.60
CA LYS A 25 -3.24 7.02 5.39
C LYS A 25 -3.99 5.73 5.05
N ASP A 26 -5.24 5.64 5.47
CA ASP A 26 -6.04 4.46 5.18
C ASP A 26 -6.58 4.53 3.76
N PHE A 27 -6.27 3.54 2.97
CA PHE A 27 -6.77 3.49 1.61
C PHE A 27 -7.87 2.46 1.54
N TRP A 28 -9.09 2.92 1.34
CA TRP A 28 -10.24 2.03 1.25
C TRP A 28 -11.42 2.74 0.59
N ASN A 29 -11.25 4.03 0.26
CA ASN A 29 -12.28 4.81 -0.41
C ASN A 29 -12.67 4.12 -1.70
N LEU A 30 -11.68 3.68 -2.45
CA LEU A 30 -11.92 2.94 -3.66
C LEU A 30 -12.00 1.46 -3.33
N HIS A 31 -13.14 0.86 -3.64
CA HIS A 31 -13.40 -0.52 -3.29
C HIS A 31 -13.05 -1.48 -4.42
N ASP A 32 -12.56 -0.94 -5.53
CA ASP A 32 -12.16 -1.78 -6.66
C ASP A 32 -10.96 -2.63 -6.28
N PRO A 33 -10.94 -3.90 -6.71
CA PRO A 33 -9.83 -4.83 -6.42
C PRO A 33 -8.46 -4.31 -6.88
N THR A 34 -8.46 -3.37 -7.83
CA THR A 34 -7.24 -2.79 -8.33
C THR A 34 -6.67 -1.74 -7.35
N ALA A 35 -7.48 -1.36 -6.38
CA ALA A 35 -7.06 -0.38 -5.39
C ALA A 35 -6.34 -1.05 -4.25
N LEU A 36 -5.32 -0.39 -3.75
CA LEU A 36 -4.55 -0.94 -2.66
C LEU A 36 -5.24 -0.64 -1.32
N ASN A 37 -6.11 -1.52 -0.91
CA ASN A 37 -6.81 -1.34 0.36
C ASN A 37 -5.86 -1.66 1.52
N VAL A 38 -5.50 -0.63 2.27
CA VAL A 38 -4.55 -0.78 3.35
C VAL A 38 -4.94 0.11 4.54
N ARG A 39 -4.50 -0.28 5.72
CA ARG A 39 -4.76 0.46 6.93
C ARG A 39 -3.58 1.38 7.25
N ALA A 40 -3.88 2.54 7.79
CA ALA A 40 -2.84 3.49 8.18
C ALA A 40 -2.08 2.92 9.36
N GLY A 41 -0.79 2.71 9.17
CA GLY A 41 0.02 2.12 10.21
C GLY A 41 0.41 0.71 9.86
N ASP A 42 -0.09 0.24 8.72
CA ASP A 42 0.21 -1.09 8.25
C ASP A 42 1.34 -1.03 7.23
N VAL A 43 2.12 -2.09 7.14
CA VAL A 43 3.22 -2.12 6.20
C VAL A 43 2.83 -2.86 4.92
N ILE A 44 2.98 -2.17 3.81
CA ILE A 44 2.66 -2.72 2.51
C ILE A 44 3.86 -3.45 1.95
N THR A 45 3.65 -4.65 1.44
CA THR A 45 4.74 -5.40 0.87
C THR A 45 4.97 -4.92 -0.56
N VAL A 46 6.02 -4.19 -0.77
CA VAL A 46 6.31 -3.67 -2.08
C VAL A 46 7.45 -4.41 -2.75
N LEU A 47 7.35 -4.56 -4.05
CA LEU A 47 8.40 -5.24 -4.81
C LEU A 47 9.38 -4.21 -5.36
N GLU A 48 9.02 -2.95 -5.22
CA GLU A 48 9.83 -1.84 -5.68
C GLU A 48 9.77 -0.70 -4.69
N GLN A 49 10.60 0.31 -4.92
CA GLN A 49 10.63 1.50 -4.07
C GLN A 49 10.80 2.74 -4.93
N HIS A 50 10.61 2.58 -6.24
CA HIS A 50 10.71 3.68 -7.17
C HIS A 50 9.32 4.24 -7.48
N PRO A 51 9.08 5.51 -7.10
CA PRO A 51 7.79 6.17 -7.35
C PRO A 51 7.51 6.34 -8.84
N ASP A 52 6.62 5.53 -9.36
CA ASP A 52 6.25 5.57 -10.77
C ASP A 52 4.97 6.40 -10.93
N GLY A 53 4.55 7.04 -9.85
CA GLY A 53 3.30 7.77 -9.86
C GLY A 53 2.15 6.83 -9.66
N ARG A 54 1.54 6.88 -8.46
CA ARG A 54 0.49 5.95 -8.05
C ARG A 54 0.83 4.52 -8.50
N TRP A 55 1.82 3.94 -7.84
CA TRP A 55 2.36 2.66 -8.24
C TRP A 55 1.73 1.52 -7.46
N LYS A 56 2.07 0.30 -7.82
CA LYS A 56 1.43 -0.88 -7.24
C LYS A 56 2.21 -1.47 -6.08
N GLY A 57 1.48 -2.09 -5.18
CA GLY A 57 2.06 -2.76 -4.06
C GLY A 57 1.33 -4.06 -3.77
N HIS A 58 1.87 -4.84 -2.87
CA HIS A 58 1.30 -6.13 -2.52
C HIS A 58 0.68 -6.09 -1.12
N ILE A 59 -0.59 -6.40 -1.05
CA ILE A 59 -1.30 -6.47 0.23
C ILE A 59 -1.43 -7.93 0.65
N HIS A 60 -1.39 -8.18 1.96
CA HIS A 60 -1.43 -9.53 2.51
C HIS A 60 -0.14 -10.27 2.20
N GLU A 61 0.84 -10.11 3.08
CA GLU A 61 2.16 -10.71 2.91
C GLU A 61 2.08 -12.22 2.71
N SER A 62 1.03 -12.82 3.24
CA SER A 62 0.79 -14.23 3.09
C SER A 62 -0.49 -14.42 2.27
N GLN A 63 -0.35 -14.78 1.01
CA GLN A 63 -1.49 -14.93 0.11
C GLN A 63 -1.92 -16.39 -0.02
N ARG A 64 -3.09 -16.60 -0.61
CA ARG A 64 -3.64 -17.94 -0.82
C ARG A 64 -4.05 -18.13 -2.25
N GLY A 65 -3.26 -18.89 -3.00
CA GLY A 65 -3.58 -19.17 -4.39
C GLY A 65 -3.21 -18.03 -5.32
N THR A 66 -3.67 -16.85 -5.00
CA THR A 66 -3.38 -15.66 -5.78
C THR A 66 -3.11 -14.49 -4.83
N ASP A 67 -2.23 -13.59 -5.23
CA ASP A 67 -1.87 -12.46 -4.40
C ASP A 67 -2.80 -11.27 -4.67
N ARG A 68 -2.47 -10.13 -4.08
CA ARG A 68 -3.30 -8.95 -4.23
C ARG A 68 -2.44 -7.73 -4.50
N ILE A 69 -2.50 -7.26 -5.73
CA ILE A 69 -1.76 -6.09 -6.16
C ILE A 69 -2.70 -4.91 -6.35
N GLY A 70 -2.36 -3.80 -5.74
CA GLY A 70 -3.17 -2.60 -5.86
C GLY A 70 -2.30 -1.38 -6.01
N TYR A 71 -2.82 -0.32 -6.61
CA TYR A 71 -2.03 0.89 -6.80
C TYR A 71 -2.30 1.90 -5.70
N PHE A 72 -1.29 2.67 -5.36
CA PHE A 72 -1.39 3.66 -4.32
C PHE A 72 -0.48 4.86 -4.62
N PRO A 73 -0.91 6.07 -4.26
CA PRO A 73 -0.09 7.27 -4.40
C PRO A 73 1.03 7.28 -3.34
N PRO A 74 2.28 7.51 -3.76
CA PRO A 74 3.44 7.51 -2.85
C PRO A 74 3.31 8.56 -1.74
N GLY A 75 2.40 9.51 -1.93
CA GLY A 75 2.20 10.55 -0.94
C GLY A 75 1.57 10.04 0.34
N ILE A 76 0.87 8.91 0.28
CA ILE A 76 0.18 8.39 1.46
C ILE A 76 1.03 7.36 2.20
N VAL A 77 2.23 7.12 1.71
CA VAL A 77 3.12 6.15 2.34
C VAL A 77 4.48 6.78 2.62
N GLU A 78 5.32 6.06 3.36
CA GLU A 78 6.66 6.52 3.65
C GLU A 78 7.56 5.37 4.04
N VAL A 79 8.84 5.63 4.10
CA VAL A 79 9.84 4.63 4.42
C VAL A 79 10.88 5.20 5.41
N VAL A 80 11.15 6.51 5.31
CA VAL A 80 12.14 7.15 6.20
C VAL A 80 11.53 8.35 6.93
N SER A 81 10.49 8.91 6.37
CA SER A 81 9.83 10.05 6.97
C SER A 81 8.49 9.61 7.56
N LYS A 82 8.38 8.32 7.85
CA LYS A 82 7.18 7.74 8.42
C LYS A 82 6.91 8.33 9.80
N ARG A 83 5.85 9.10 9.91
CA ARG A 83 5.49 9.77 11.14
C ARG A 83 4.11 9.36 11.57
N GLY A 17 13.91 -8.43 -4.83
CA GLY A 17 13.54 -8.87 -3.47
C GLY A 17 12.18 -8.35 -3.09
N SER A 18 12.04 -7.93 -1.84
CA SER A 18 10.77 -7.40 -1.37
C SER A 18 11.00 -6.45 -0.20
N LEU A 19 10.27 -5.35 -0.20
CA LEU A 19 10.34 -4.37 0.87
C LEU A 19 8.93 -3.95 1.24
N LYS A 20 8.79 -3.28 2.35
CA LYS A 20 7.50 -2.82 2.78
C LYS A 20 7.53 -1.37 3.19
N VAL A 21 6.49 -0.65 2.85
CA VAL A 21 6.36 0.74 3.19
C VAL A 21 5.19 0.92 4.14
N ARG A 22 5.29 1.86 5.04
CA ARG A 22 4.25 2.05 6.03
C ARG A 22 3.42 3.27 5.70
N ALA A 23 2.14 3.08 5.49
CA ALA A 23 1.25 4.18 5.17
C ALA A 23 1.00 5.04 6.39
N LEU A 24 1.27 6.33 6.27
CA LEU A 24 1.03 7.24 7.40
C LEU A 24 -0.38 7.78 7.33
N LYS A 25 -1.03 7.51 6.21
CA LYS A 25 -2.40 7.93 5.98
C LYS A 25 -3.13 6.86 5.20
N ASP A 26 -4.43 6.71 5.45
CA ASP A 26 -5.24 5.71 4.76
C ASP A 26 -5.40 6.05 3.29
N PHE A 27 -5.65 5.04 2.49
CA PHE A 27 -5.85 5.22 1.06
C PHE A 27 -7.23 5.79 0.78
N TRP A 28 -7.28 7.00 0.28
CA TRP A 28 -8.53 7.65 -0.03
C TRP A 28 -8.78 7.61 -1.53
N ASN A 29 -9.95 7.12 -1.90
CA ASN A 29 -10.33 7.01 -3.30
C ASN A 29 -11.84 6.80 -3.37
N LEU A 30 -12.43 7.03 -4.55
CA LEU A 30 -13.85 6.81 -4.74
C LEU A 30 -14.22 5.38 -4.34
N HIS A 31 -15.15 5.26 -3.39
CA HIS A 31 -15.56 3.97 -2.83
C HIS A 31 -15.73 2.88 -3.89
N ASP A 32 -14.87 1.89 -3.82
CA ASP A 32 -14.88 0.77 -4.75
C ASP A 32 -14.13 -0.41 -4.12
N PRO A 33 -14.69 -1.62 -4.23
CA PRO A 33 -14.13 -2.83 -3.60
C PRO A 33 -12.76 -3.27 -4.15
N THR A 34 -12.34 -2.72 -5.29
CA THR A 34 -11.05 -3.12 -5.86
C THR A 34 -9.94 -2.15 -5.45
N ALA A 35 -10.27 -1.26 -4.53
CA ALA A 35 -9.32 -0.28 -4.00
C ALA A 35 -8.35 -0.95 -3.05
N LEU A 36 -7.16 -0.38 -2.93
CA LEU A 36 -6.14 -0.93 -2.05
C LEU A 36 -6.43 -0.49 -0.62
N ASN A 37 -6.99 -1.39 0.17
CA ASN A 37 -7.37 -1.07 1.53
C ASN A 37 -6.18 -1.12 2.48
N VAL A 38 -5.49 0.00 2.57
CA VAL A 38 -4.39 0.13 3.48
C VAL A 38 -4.79 1.04 4.63
N ARG A 39 -4.41 0.66 5.83
CA ARG A 39 -4.75 1.43 7.01
C ARG A 39 -3.58 2.29 7.41
N ALA A 40 -3.87 3.44 7.97
CA ALA A 40 -2.84 4.31 8.48
C ALA A 40 -2.06 3.59 9.58
N GLY A 41 -0.80 3.34 9.33
CA GLY A 41 0.03 2.64 10.26
C GLY A 41 0.35 1.23 9.81
N ASP A 42 -0.34 0.79 8.76
CA ASP A 42 -0.15 -0.56 8.22
C ASP A 42 0.96 -0.53 7.15
N VAL A 43 1.35 -1.70 6.66
CA VAL A 43 2.46 -1.78 5.72
C VAL A 43 2.06 -2.45 4.40
N ILE A 44 2.63 -1.95 3.32
CA ILE A 44 2.41 -2.50 1.98
C ILE A 44 3.69 -3.15 1.48
N THR A 45 3.61 -4.41 1.11
CA THR A 45 4.76 -5.14 0.61
C THR A 45 4.94 -4.91 -0.89
N VAL A 46 5.98 -4.20 -1.24
CA VAL A 46 6.28 -3.90 -2.62
C VAL A 46 7.50 -4.71 -3.10
N LEU A 47 7.52 -5.05 -4.38
CA LEU A 47 8.63 -5.79 -4.94
C LEU A 47 9.70 -4.81 -5.42
N GLU A 48 9.28 -3.86 -6.25
CA GLU A 48 10.19 -2.83 -6.75
C GLU A 48 9.64 -1.46 -6.42
N GLN A 49 10.49 -0.61 -5.87
CA GLN A 49 10.08 0.73 -5.49
C GLN A 49 10.01 1.67 -6.68
N HIS A 50 8.89 2.36 -6.80
CA HIS A 50 8.71 3.33 -7.86
C HIS A 50 8.00 4.58 -7.30
N PRO A 51 8.70 5.36 -6.46
CA PRO A 51 8.15 6.57 -5.86
C PRO A 51 8.01 7.70 -6.88
N ASP A 52 6.94 7.66 -7.64
CA ASP A 52 6.68 8.65 -8.67
C ASP A 52 5.19 8.92 -8.76
N GLY A 53 4.44 7.89 -9.12
CA GLY A 53 3.01 8.00 -9.21
C GLY A 53 2.35 6.86 -8.47
N ARG A 54 1.10 6.58 -8.78
CA ARG A 54 0.39 5.49 -8.12
C ARG A 54 0.97 4.14 -8.56
N TRP A 55 1.79 3.57 -7.71
CA TRP A 55 2.45 2.31 -8.02
C TRP A 55 1.78 1.14 -7.30
N LYS A 56 2.16 -0.06 -7.69
CA LYS A 56 1.50 -1.26 -7.17
C LYS A 56 2.23 -1.85 -5.96
N GLY A 57 1.45 -2.52 -5.12
CA GLY A 57 1.97 -3.19 -3.97
C GLY A 57 0.96 -4.15 -3.39
N HIS A 58 1.38 -5.00 -2.46
CA HIS A 58 0.47 -5.96 -1.87
C HIS A 58 0.18 -5.57 -0.43
N ILE A 59 -1.09 -5.39 -0.15
CA ILE A 59 -1.55 -5.02 1.18
C ILE A 59 -2.14 -6.24 1.88
N HIS A 60 -2.15 -6.20 3.22
CA HIS A 60 -2.75 -7.26 4.04
C HIS A 60 -4.14 -7.63 3.49
N GLU A 61 -4.47 -8.88 3.54
CA GLU A 61 -5.76 -9.32 3.04
C GLU A 61 -6.79 -9.31 4.16
N SER A 62 -7.70 -8.35 4.09
CA SER A 62 -8.78 -8.24 5.06
C SER A 62 -9.61 -9.52 5.09
N GLN A 63 -10.06 -9.92 6.26
CA GLN A 63 -10.88 -11.11 6.41
C GLN A 63 -12.29 -10.86 5.90
N ARG A 64 -12.63 -9.59 5.79
CA ARG A 64 -13.90 -9.18 5.23
C ARG A 64 -13.59 -8.32 4.02
N GLY A 65 -13.72 -8.91 2.85
CA GLY A 65 -13.34 -8.22 1.65
C GLY A 65 -11.85 -8.35 1.40
N THR A 66 -11.43 -9.59 1.14
CA THR A 66 -10.03 -9.92 0.93
C THR A 66 -9.36 -8.98 -0.08
N ASP A 67 -8.15 -8.55 0.24
CA ASP A 67 -7.43 -7.60 -0.60
C ASP A 67 -6.44 -8.30 -1.50
N ARG A 68 -5.86 -7.55 -2.42
CA ARG A 68 -4.89 -8.08 -3.36
C ARG A 68 -3.87 -6.99 -3.72
N ILE A 69 -3.13 -7.21 -4.80
CA ILE A 69 -2.19 -6.21 -5.27
C ILE A 69 -2.96 -5.02 -5.85
N GLY A 70 -2.67 -3.84 -5.36
CA GLY A 70 -3.34 -2.66 -5.83
C GLY A 70 -2.40 -1.51 -6.00
N TYR A 71 -2.93 -0.38 -6.43
CA TYR A 71 -2.10 0.80 -6.63
C TYR A 71 -2.29 1.81 -5.51
N PHE A 72 -1.25 2.53 -5.19
CA PHE A 72 -1.30 3.52 -4.13
C PHE A 72 -0.35 4.68 -4.45
N PRO A 73 -0.66 5.89 -3.96
CA PRO A 73 0.17 7.05 -4.16
C PRO A 73 1.28 7.15 -3.11
N PRO A 74 2.52 7.47 -3.54
CA PRO A 74 3.66 7.59 -2.63
C PRO A 74 3.51 8.74 -1.62
N GLY A 75 2.42 9.47 -1.74
CA GLY A 75 2.15 10.56 -0.84
C GLY A 75 1.57 10.11 0.49
N ILE A 76 1.01 8.90 0.52
CA ILE A 76 0.40 8.40 1.75
C ILE A 76 1.31 7.40 2.47
N VAL A 77 2.49 7.16 1.92
CA VAL A 77 3.39 6.18 2.52
C VAL A 77 4.64 6.82 3.11
N GLU A 78 5.15 6.17 4.11
CA GLU A 78 6.34 6.60 4.81
C GLU A 78 7.43 5.55 4.68
N VAL A 79 8.62 6.01 4.34
CA VAL A 79 9.77 5.14 4.18
C VAL A 79 10.93 5.64 5.05
N VAL A 80 10.98 6.95 5.23
CA VAL A 80 12.04 7.57 6.01
C VAL A 80 11.46 8.55 7.03
N SER A 81 10.82 9.61 6.54
CA SER A 81 10.27 10.63 7.42
C SER A 81 8.76 10.81 7.21
N LYS A 82 8.15 11.63 8.08
CA LYS A 82 6.71 11.90 8.06
C LYS A 82 5.92 10.63 8.39
N ARG A 83 5.79 10.36 9.68
CA ARG A 83 5.07 9.20 10.15
C ARG A 83 4.02 9.60 11.17
N GLY A 17 12.90 -7.82 -6.01
CA GLY A 17 12.93 -6.83 -4.92
C GLY A 17 11.69 -6.91 -4.07
N SER A 18 11.78 -6.46 -2.83
CA SER A 18 10.66 -6.47 -1.91
C SER A 18 10.87 -5.43 -0.81
N LEU A 19 10.11 -4.35 -0.88
CA LEU A 19 10.22 -3.28 0.11
C LEU A 19 8.94 -3.19 0.91
N LYS A 20 9.01 -2.56 2.06
CA LYS A 20 7.85 -2.40 2.92
C LYS A 20 7.65 -0.94 3.26
N VAL A 21 6.41 -0.49 3.15
CA VAL A 21 6.07 0.88 3.46
C VAL A 21 4.82 0.92 4.32
N ARG A 22 4.82 1.78 5.31
CA ARG A 22 3.69 1.89 6.21
C ARG A 22 2.91 3.17 5.90
N ALA A 23 1.60 3.05 5.84
CA ALA A 23 0.74 4.18 5.49
C ALA A 23 0.55 5.13 6.66
N LEU A 24 0.73 6.42 6.39
CA LEU A 24 0.55 7.45 7.41
C LEU A 24 -0.86 7.99 7.33
N LYS A 25 -1.42 7.96 6.15
CA LYS A 25 -2.76 8.44 5.93
C LYS A 25 -3.56 7.37 5.22
N ASP A 26 -4.86 7.30 5.50
CA ASP A 26 -5.70 6.29 4.87
C ASP A 26 -5.82 6.54 3.39
N PHE A 27 -5.94 5.47 2.63
CA PHE A 27 -6.03 5.55 1.19
C PHE A 27 -7.31 6.27 0.75
N TRP A 28 -7.19 7.21 -0.17
CA TRP A 28 -8.34 7.91 -0.71
C TRP A 28 -9.06 7.01 -1.70
N ASN A 29 -10.16 6.44 -1.25
CA ASN A 29 -10.93 5.51 -2.08
C ASN A 29 -11.54 6.20 -3.27
N LEU A 30 -10.94 6.00 -4.43
CA LEU A 30 -11.43 6.57 -5.66
C LEU A 30 -12.40 5.62 -6.35
N HIS A 31 -12.68 4.50 -5.67
CA HIS A 31 -13.64 3.48 -6.12
C HIS A 31 -13.16 2.79 -7.38
N ASP A 32 -12.26 1.84 -7.20
CA ASP A 32 -11.71 1.07 -8.31
C ASP A 32 -11.22 -0.29 -7.82
N PRO A 33 -11.55 -1.36 -8.57
CA PRO A 33 -11.18 -2.74 -8.18
C PRO A 33 -9.67 -2.98 -8.14
N THR A 34 -8.91 -2.19 -8.88
CA THR A 34 -7.47 -2.37 -8.93
C THR A 34 -6.76 -1.40 -7.96
N ALA A 35 -7.54 -0.57 -7.29
CA ALA A 35 -6.99 0.38 -6.33
C ALA A 35 -6.67 -0.35 -5.03
N LEU A 36 -5.56 0.00 -4.43
CA LEU A 36 -5.14 -0.66 -3.21
C LEU A 36 -5.72 0.05 -1.99
N ASN A 37 -6.73 -0.54 -1.39
CA ASN A 37 -7.35 0.03 -0.20
C ASN A 37 -6.49 -0.29 1.02
N VAL A 38 -6.08 0.74 1.74
CA VAL A 38 -5.24 0.55 2.91
C VAL A 38 -5.63 1.53 4.02
N ARG A 39 -5.49 1.06 5.25
CA ARG A 39 -5.82 1.85 6.41
C ARG A 39 -4.54 2.45 6.98
N ALA A 40 -4.66 3.63 7.57
CA ALA A 40 -3.52 4.28 8.18
C ALA A 40 -2.94 3.41 9.28
N GLY A 41 -1.65 3.16 9.21
CA GLY A 41 -1.01 2.34 10.20
C GLY A 41 -0.68 0.95 9.67
N ASP A 42 -1.25 0.59 8.54
CA ASP A 42 -0.97 -0.73 7.95
C ASP A 42 0.27 -0.67 7.09
N VAL A 43 0.93 -1.81 6.94
CA VAL A 43 2.16 -1.87 6.16
C VAL A 43 1.93 -2.59 4.82
N ILE A 44 2.34 -1.95 3.75
CA ILE A 44 2.21 -2.49 2.41
C ILE A 44 3.56 -3.04 1.96
N THR A 45 3.54 -4.14 1.24
CA THR A 45 4.76 -4.73 0.73
C THR A 45 4.83 -4.54 -0.78
N VAL A 46 5.73 -3.67 -1.23
CA VAL A 46 5.86 -3.38 -2.64
C VAL A 46 6.98 -4.18 -3.27
N LEU A 47 6.82 -4.50 -4.54
CA LEU A 47 7.82 -5.27 -5.27
C LEU A 47 8.97 -4.36 -5.71
N GLU A 48 8.67 -3.41 -6.58
CA GLU A 48 9.69 -2.49 -7.05
C GLU A 48 9.41 -1.11 -6.48
N GLN A 49 10.45 -0.46 -6.00
CA GLN A 49 10.30 0.88 -5.47
C GLN A 49 10.29 1.89 -6.61
N HIS A 50 9.11 2.08 -7.21
CA HIS A 50 8.96 3.02 -8.31
C HIS A 50 9.06 4.44 -7.79
N PRO A 51 9.87 5.28 -8.46
CA PRO A 51 10.11 6.66 -8.02
C PRO A 51 8.85 7.52 -8.01
N ASP A 52 8.02 7.37 -9.02
CA ASP A 52 6.83 8.19 -9.13
C ASP A 52 5.65 7.37 -9.60
N GLY A 53 4.50 8.00 -9.63
CA GLY A 53 3.31 7.36 -10.10
C GLY A 53 2.63 6.56 -9.03
N ARG A 54 1.86 5.58 -9.45
CA ARG A 54 1.17 4.70 -8.53
C ARG A 54 1.79 3.32 -8.61
N TRP A 55 2.48 2.93 -7.56
CA TRP A 55 3.15 1.63 -7.56
C TRP A 55 2.25 0.53 -7.04
N LYS A 56 2.58 -0.70 -7.41
CA LYS A 56 1.79 -1.86 -7.01
C LYS A 56 2.26 -2.38 -5.68
N GLY A 57 1.35 -2.43 -4.73
CA GLY A 57 1.68 -2.91 -3.42
C GLY A 57 0.86 -4.13 -3.05
N HIS A 58 1.44 -4.95 -2.21
CA HIS A 58 0.78 -6.16 -1.75
C HIS A 58 0.48 -6.00 -0.26
N ILE A 59 -0.78 -6.10 0.11
CA ILE A 59 -1.18 -5.92 1.49
C ILE A 59 -1.61 -7.22 2.13
N HIS A 60 -1.18 -7.42 3.35
CA HIS A 60 -1.54 -8.57 4.16
C HIS A 60 -1.41 -8.18 5.62
N GLU A 61 -2.52 -8.10 6.32
CA GLU A 61 -2.51 -7.71 7.71
C GLU A 61 -2.39 -8.91 8.65
N SER A 62 -2.34 -8.62 9.94
CA SER A 62 -2.12 -9.63 10.96
C SER A 62 -3.27 -10.63 11.09
N GLN A 63 -4.46 -10.14 11.40
CA GLN A 63 -5.61 -10.99 11.62
C GLN A 63 -5.97 -11.78 10.36
N ARG A 64 -6.56 -11.10 9.41
CA ARG A 64 -6.91 -11.71 8.14
C ARG A 64 -6.42 -10.83 7.02
N GLY A 65 -7.24 -10.60 6.01
CA GLY A 65 -6.82 -9.76 4.91
C GLY A 65 -5.70 -10.37 4.13
N THR A 66 -5.98 -11.48 3.46
CA THR A 66 -4.99 -12.18 2.67
C THR A 66 -4.37 -11.26 1.62
N ASP A 67 -3.14 -11.58 1.21
CA ASP A 67 -2.36 -10.78 0.26
C ASP A 67 -3.19 -10.25 -0.90
N ARG A 68 -3.39 -8.95 -0.90
CA ARG A 68 -4.14 -8.27 -1.95
C ARG A 68 -3.20 -7.30 -2.67
N ILE A 69 -3.30 -7.24 -3.98
CA ILE A 69 -2.42 -6.36 -4.76
C ILE A 69 -3.20 -5.22 -5.43
N GLY A 70 -2.64 -4.03 -5.39
CA GLY A 70 -3.26 -2.88 -6.01
C GLY A 70 -2.27 -1.74 -6.13
N TYR A 71 -2.67 -0.67 -6.78
CA TYR A 71 -1.79 0.48 -6.93
C TYR A 71 -2.13 1.57 -5.91
N PHE A 72 -1.12 2.32 -5.49
CA PHE A 72 -1.31 3.40 -4.54
C PHE A 72 -0.22 4.47 -4.69
N PRO A 73 -0.44 5.69 -4.14
CA PRO A 73 0.51 6.78 -4.21
C PRO A 73 1.53 6.74 -3.05
N PRO A 74 2.83 6.67 -3.36
CA PRO A 74 3.92 6.65 -2.37
C PRO A 74 3.88 7.85 -1.41
N GLY A 75 3.17 8.89 -1.82
CA GLY A 75 3.08 10.09 -1.02
C GLY A 75 2.41 9.89 0.33
N ILE A 76 1.58 8.86 0.46
CA ILE A 76 0.87 8.62 1.72
C ILE A 76 1.55 7.55 2.57
N VAL A 77 2.70 7.07 2.12
CA VAL A 77 3.42 6.02 2.84
C VAL A 77 4.88 6.37 3.07
N GLU A 78 5.50 5.62 3.96
CA GLU A 78 6.91 5.79 4.29
C GLU A 78 7.50 4.43 4.69
N VAL A 79 8.77 4.22 4.40
CA VAL A 79 9.41 2.96 4.72
C VAL A 79 9.62 2.80 6.24
N VAL A 80 9.91 3.90 6.91
CA VAL A 80 10.11 3.88 8.35
C VAL A 80 8.78 4.12 9.06
N SER A 81 8.61 3.51 10.23
CA SER A 81 7.37 3.61 10.98
C SER A 81 7.18 5.02 11.56
N LYS A 82 6.43 5.84 10.82
CA LYS A 82 6.08 7.20 11.24
C LYS A 82 7.29 8.11 11.36
N ARG A 83 8.31 7.86 10.55
CA ARG A 83 9.47 8.72 10.51
C ARG A 83 9.77 9.05 9.05
N GLY A 17 14.69 -7.26 -5.27
CA GLY A 17 14.40 -7.44 -3.83
C GLY A 17 12.96 -7.10 -3.50
N SER A 18 12.71 -6.76 -2.25
CA SER A 18 11.38 -6.38 -1.79
C SER A 18 11.50 -5.36 -0.66
N LEU A 19 10.44 -4.61 -0.43
CA LEU A 19 10.47 -3.58 0.60
C LEU A 19 9.08 -3.43 1.25
N LYS A 20 9.03 -2.75 2.36
CA LYS A 20 7.78 -2.51 3.06
C LYS A 20 7.56 -1.01 3.23
N VAL A 21 6.36 -0.56 2.98
CA VAL A 21 6.02 0.84 3.16
C VAL A 21 4.86 0.97 4.13
N ARG A 22 4.94 1.92 5.03
CA ARG A 22 3.91 2.11 6.04
C ARG A 22 3.02 3.27 5.68
N ALA A 23 1.73 3.06 5.71
CA ALA A 23 0.77 4.10 5.43
C ALA A 23 0.49 4.89 6.68
N LEU A 24 0.77 6.17 6.65
CA LEU A 24 0.56 7.03 7.81
C LEU A 24 -0.84 7.59 7.84
N LYS A 25 -1.47 7.63 6.68
CA LYS A 25 -2.82 8.14 6.59
C LYS A 25 -3.72 7.08 5.97
N ASP A 26 -4.97 7.04 6.41
CA ASP A 26 -5.92 6.04 5.94
C ASP A 26 -6.35 6.34 4.53
N PHE A 27 -6.14 5.40 3.64
CA PHE A 27 -6.57 5.57 2.27
C PHE A 27 -8.05 5.25 2.19
N TRP A 28 -8.86 6.27 1.94
CA TRP A 28 -10.30 6.10 1.83
C TRP A 28 -10.93 7.39 1.31
N ASN A 29 -10.10 8.23 0.71
CA ASN A 29 -10.57 9.52 0.20
C ASN A 29 -11.29 9.37 -1.12
N LEU A 30 -11.22 8.18 -1.68
CA LEU A 30 -11.86 7.90 -2.95
C LEU A 30 -13.21 7.24 -2.73
N HIS A 31 -13.99 7.16 -3.78
CA HIS A 31 -15.34 6.58 -3.68
C HIS A 31 -15.39 5.19 -4.30
N ASP A 32 -14.49 4.91 -5.22
CA ASP A 32 -14.45 3.63 -5.90
C ASP A 32 -13.37 2.70 -5.31
N PRO A 33 -13.76 1.44 -5.03
CA PRO A 33 -12.89 0.44 -4.37
C PRO A 33 -11.82 -0.17 -5.29
N THR A 34 -11.74 0.32 -6.52
CA THR A 34 -10.75 -0.20 -7.46
C THR A 34 -9.35 0.29 -7.09
N ALA A 35 -9.30 1.27 -6.21
CA ALA A 35 -8.06 1.82 -5.71
C ALA A 35 -7.61 1.03 -4.48
N LEU A 36 -6.30 1.01 -4.23
CA LEU A 36 -5.78 0.27 -3.10
C LEU A 36 -5.96 1.07 -1.82
N ASN A 37 -6.78 0.54 -0.94
CA ASN A 37 -7.04 1.18 0.33
C ASN A 37 -6.19 0.54 1.41
N VAL A 38 -5.91 1.28 2.47
CA VAL A 38 -5.07 0.79 3.53
C VAL A 38 -5.37 1.54 4.83
N ARG A 39 -5.25 0.84 5.95
CA ARG A 39 -5.49 1.44 7.25
C ARG A 39 -4.20 2.09 7.76
N ALA A 40 -4.35 3.24 8.41
CA ALA A 40 -3.18 3.95 8.94
C ALA A 40 -2.44 3.09 9.94
N GLY A 41 -1.14 2.95 9.72
CA GLY A 41 -0.33 2.15 10.60
C GLY A 41 -0.03 0.78 10.03
N ASP A 42 -0.68 0.45 8.93
CA ASP A 42 -0.45 -0.85 8.28
C ASP A 42 0.69 -0.72 7.29
N VAL A 43 1.22 -1.84 6.85
CA VAL A 43 2.34 -1.83 5.93
C VAL A 43 2.01 -2.54 4.63
N ILE A 44 2.33 -1.90 3.53
CA ILE A 44 2.09 -2.43 2.21
C ILE A 44 3.37 -3.06 1.69
N THR A 45 3.28 -4.28 1.23
CA THR A 45 4.43 -4.99 0.71
C THR A 45 4.65 -4.65 -0.75
N VAL A 46 5.72 -3.92 -1.02
CA VAL A 46 6.06 -3.56 -2.39
C VAL A 46 7.25 -4.40 -2.84
N LEU A 47 7.32 -4.71 -4.11
CA LEU A 47 8.39 -5.55 -4.60
C LEU A 47 9.61 -4.72 -4.97
N GLU A 48 9.58 -4.09 -6.13
CA GLU A 48 10.72 -3.31 -6.59
C GLU A 48 10.39 -2.57 -7.88
N GLN A 49 10.46 -1.25 -7.81
CA GLN A 49 10.24 -0.38 -8.97
C GLN A 49 10.35 1.07 -8.55
N HIS A 50 10.21 1.97 -9.50
CA HIS A 50 10.29 3.39 -9.23
C HIS A 50 8.95 3.92 -8.74
N PRO A 51 8.91 4.47 -7.52
CA PRO A 51 7.68 5.02 -6.97
C PRO A 51 7.35 6.38 -7.59
N ASP A 52 6.46 6.38 -8.55
CA ASP A 52 6.05 7.61 -9.21
C ASP A 52 4.56 7.60 -9.48
N GLY A 53 3.87 8.57 -8.91
CA GLY A 53 2.43 8.66 -9.09
C GLY A 53 1.69 7.64 -8.27
N ARG A 54 1.36 6.54 -8.89
CA ARG A 54 0.69 5.44 -8.23
C ARG A 54 1.38 4.15 -8.56
N TRP A 55 1.81 3.44 -7.54
CA TRP A 55 2.53 2.20 -7.75
C TRP A 55 1.78 1.01 -7.18
N LYS A 56 2.07 -0.17 -7.73
CA LYS A 56 1.41 -1.39 -7.35
C LYS A 56 2.04 -2.02 -6.10
N GLY A 57 1.20 -2.30 -5.11
CA GLY A 57 1.68 -2.94 -3.91
C GLY A 57 0.73 -4.02 -3.44
N HIS A 58 1.14 -4.77 -2.42
CA HIS A 58 0.32 -5.83 -1.85
C HIS A 58 -0.11 -5.45 -0.44
N ILE A 59 -1.41 -5.45 -0.20
CA ILE A 59 -1.94 -5.08 1.12
C ILE A 59 -3.11 -6.00 1.50
N HIS A 60 -3.29 -6.18 2.80
CA HIS A 60 -4.39 -6.98 3.30
C HIS A 60 -5.59 -6.07 3.58
N GLU A 61 -6.66 -6.27 2.83
CA GLU A 61 -7.87 -5.48 3.02
C GLU A 61 -8.53 -5.86 4.35
N SER A 62 -9.25 -4.92 4.93
CA SER A 62 -9.88 -5.10 6.21
C SER A 62 -11.17 -5.94 6.11
N GLN A 63 -11.93 -5.74 5.06
CA GLN A 63 -13.19 -6.45 4.88
C GLN A 63 -12.96 -7.73 4.09
N ARG A 64 -13.83 -8.71 4.29
CA ARG A 64 -13.73 -9.99 3.60
C ARG A 64 -13.82 -9.80 2.09
N GLY A 65 -13.16 -10.68 1.36
CA GLY A 65 -13.07 -10.54 -0.07
C GLY A 65 -11.84 -9.76 -0.42
N THR A 66 -10.76 -10.03 0.30
CA THR A 66 -9.52 -9.31 0.15
C THR A 66 -8.84 -9.61 -1.17
N ASP A 67 -8.13 -8.63 -1.68
CA ASP A 67 -7.33 -8.81 -2.87
C ASP A 67 -5.87 -8.68 -2.48
N ARG A 68 -4.96 -8.93 -3.39
CA ARG A 68 -3.55 -8.87 -3.06
C ARG A 68 -2.82 -7.82 -3.90
N ILE A 69 -3.46 -7.33 -4.94
CA ILE A 69 -2.81 -6.38 -5.85
C ILE A 69 -3.61 -5.10 -6.04
N GLY A 70 -2.97 -3.98 -5.76
CA GLY A 70 -3.62 -2.70 -5.95
C GLY A 70 -2.60 -1.59 -6.22
N TYR A 71 -3.10 -0.42 -6.57
CA TYR A 71 -2.24 0.73 -6.86
C TYR A 71 -2.55 1.88 -5.92
N PHE A 72 -1.51 2.54 -5.42
CA PHE A 72 -1.67 3.63 -4.45
C PHE A 72 -0.55 4.68 -4.63
N PRO A 73 -0.78 5.92 -4.15
CA PRO A 73 0.21 6.98 -4.20
C PRO A 73 1.24 6.88 -3.06
N PRO A 74 2.55 6.84 -3.39
CA PRO A 74 3.62 6.71 -2.40
C PRO A 74 3.69 7.88 -1.41
N GLY A 75 2.98 8.94 -1.72
CA GLY A 75 2.98 10.11 -0.86
C GLY A 75 2.34 9.87 0.50
N ILE A 76 1.53 8.81 0.62
CA ILE A 76 0.88 8.53 1.89
C ILE A 76 1.64 7.48 2.70
N VAL A 77 2.74 6.98 2.14
CA VAL A 77 3.51 5.94 2.81
C VAL A 77 4.96 6.37 2.97
N GLU A 78 5.62 5.75 3.95
CA GLU A 78 7.02 5.98 4.21
C GLU A 78 7.69 4.66 4.55
N VAL A 79 8.97 4.55 4.30
CA VAL A 79 9.70 3.33 4.63
C VAL A 79 10.10 3.32 6.10
N VAL A 80 10.11 4.50 6.70
CA VAL A 80 10.43 4.66 8.11
C VAL A 80 9.15 5.07 8.85
N SER A 81 9.18 5.04 10.18
CA SER A 81 8.03 5.47 10.96
C SER A 81 7.85 6.99 10.82
N LYS A 82 6.63 7.46 11.07
CA LYS A 82 6.33 8.88 10.92
C LYS A 82 7.14 9.73 11.89
N ARG A 83 7.60 10.86 11.42
CA ARG A 83 8.35 11.78 12.24
C ARG A 83 7.60 13.11 12.33
N GLY A 17 12.61 -11.15 -2.46
CA GLY A 17 12.68 -9.79 -3.00
C GLY A 17 11.40 -9.02 -2.74
N SER A 18 11.25 -8.52 -1.53
CA SER A 18 10.07 -7.77 -1.17
C SER A 18 10.37 -6.84 0.01
N LEU A 19 10.08 -5.56 -0.19
CA LEU A 19 10.28 -4.56 0.84
C LEU A 19 8.94 -4.15 1.42
N LYS A 20 8.93 -3.16 2.26
CA LYS A 20 7.70 -2.72 2.89
C LYS A 20 7.66 -1.20 3.02
N VAL A 21 6.49 -0.66 2.80
CA VAL A 21 6.25 0.76 2.97
C VAL A 21 5.13 0.97 3.97
N ARG A 22 5.25 1.97 4.79
CA ARG A 22 4.25 2.23 5.81
C ARG A 22 3.33 3.38 5.41
N ALA A 23 2.05 3.13 5.48
CA ALA A 23 1.06 4.14 5.18
C ALA A 23 0.82 5.00 6.40
N LEU A 24 0.88 6.30 6.22
CA LEU A 24 0.69 7.23 7.32
C LEU A 24 -0.75 7.63 7.45
N LYS A 25 -1.54 7.31 6.45
CA LYS A 25 -2.94 7.65 6.44
C LYS A 25 -3.73 6.55 5.75
N ASP A 26 -4.96 6.32 6.20
CA ASP A 26 -5.82 5.30 5.59
C ASP A 26 -6.11 5.63 4.16
N PHE A 27 -5.78 4.73 3.26
CA PHE A 27 -5.98 4.96 1.87
C PHE A 27 -7.44 4.80 1.50
N TRP A 28 -8.07 5.87 1.08
CA TRP A 28 -9.42 5.82 0.60
C TRP A 28 -9.41 5.22 -0.79
N ASN A 29 -9.59 3.92 -0.84
CA ASN A 29 -9.54 3.17 -2.08
C ASN A 29 -10.59 3.64 -3.07
N LEU A 30 -10.27 3.52 -4.33
CA LEU A 30 -11.19 3.85 -5.38
C LEU A 30 -11.91 2.60 -5.80
N HIS A 31 -12.53 2.64 -6.96
CA HIS A 31 -13.23 1.48 -7.47
C HIS A 31 -12.24 0.54 -8.17
N ASP A 32 -12.77 -0.50 -8.81
CA ASP A 32 -11.96 -1.53 -9.47
C ASP A 32 -11.35 -2.49 -8.47
N PRO A 33 -11.24 -3.78 -8.84
CA PRO A 33 -10.68 -4.82 -7.96
C PRO A 33 -9.15 -4.70 -7.82
N THR A 34 -8.58 -3.68 -8.43
CA THR A 34 -7.15 -3.47 -8.38
C THR A 34 -6.80 -2.37 -7.39
N ALA A 35 -7.81 -1.85 -6.70
CA ALA A 35 -7.59 -0.79 -5.72
C ALA A 35 -7.01 -1.37 -4.44
N LEU A 36 -5.97 -0.73 -3.93
CA LEU A 36 -5.32 -1.20 -2.71
C LEU A 36 -6.07 -0.70 -1.49
N ASN A 37 -6.00 -1.45 -0.41
CA ASN A 37 -6.64 -1.08 0.84
C ASN A 37 -5.64 -1.14 1.97
N VAL A 38 -5.46 -0.04 2.69
CA VAL A 38 -4.49 0.00 3.77
C VAL A 38 -4.87 1.09 4.77
N ARG A 39 -4.54 0.86 6.03
CA ARG A 39 -4.85 1.81 7.09
C ARG A 39 -3.59 2.50 7.60
N ALA A 40 -3.77 3.58 8.34
CA ALA A 40 -2.66 4.34 8.89
C ALA A 40 -1.86 3.48 9.88
N GLY A 41 -0.61 3.25 9.56
CA GLY A 41 0.23 2.47 10.41
C GLY A 41 0.52 1.09 9.86
N ASP A 42 -0.21 0.71 8.82
CA ASP A 42 -0.03 -0.61 8.23
C ASP A 42 1.04 -0.57 7.14
N VAL A 43 1.61 -1.72 6.82
CA VAL A 43 2.70 -1.78 5.85
C VAL A 43 2.33 -2.59 4.60
N ILE A 44 2.63 -2.02 3.45
CA ILE A 44 2.37 -2.65 2.17
C ILE A 44 3.64 -3.33 1.65
N THR A 45 3.51 -4.52 1.11
CA THR A 45 4.64 -5.26 0.59
C THR A 45 4.92 -4.87 -0.86
N VAL A 46 6.02 -4.17 -1.09
CA VAL A 46 6.38 -3.73 -2.43
C VAL A 46 7.53 -4.56 -3.00
N LEU A 47 7.47 -4.85 -4.29
CA LEU A 47 8.50 -5.64 -4.94
C LEU A 47 9.64 -4.74 -5.44
N GLU A 48 9.39 -4.04 -6.54
CA GLU A 48 10.38 -3.14 -7.13
C GLU A 48 9.69 -1.99 -7.84
N GLN A 49 9.58 -0.87 -7.16
CA GLN A 49 8.94 0.34 -7.71
C GLN A 49 9.57 1.57 -7.06
N HIS A 50 9.16 2.74 -7.52
CA HIS A 50 9.65 3.99 -6.96
C HIS A 50 8.48 4.94 -6.64
N PRO A 51 8.69 5.93 -5.74
CA PRO A 51 7.64 6.88 -5.34
C PRO A 51 7.18 7.79 -6.49
N ASP A 52 8.01 7.91 -7.51
CA ASP A 52 7.66 8.73 -8.67
C ASP A 52 6.49 8.12 -9.44
N GLY A 53 5.36 8.77 -9.35
CA GLY A 53 4.19 8.30 -10.02
C GLY A 53 3.20 7.71 -9.06
N ARG A 54 3.20 6.40 -8.96
CA ARG A 54 2.34 5.72 -8.03
C ARG A 54 2.89 4.35 -7.69
N TRP A 55 2.65 3.92 -6.49
CA TRP A 55 3.13 2.63 -6.04
C TRP A 55 2.17 1.54 -6.41
N LYS A 56 2.70 0.35 -6.57
CA LYS A 56 1.91 -0.82 -6.84
C LYS A 56 2.47 -1.97 -6.02
N GLY A 57 1.75 -2.36 -4.99
CA GLY A 57 2.25 -3.36 -4.07
C GLY A 57 1.18 -4.34 -3.62
N HIS A 58 1.59 -5.32 -2.84
CA HIS A 58 0.69 -6.34 -2.34
C HIS A 58 0.41 -6.10 -0.86
N ILE A 59 -0.85 -5.94 -0.54
CA ILE A 59 -1.27 -5.71 0.82
C ILE A 59 -2.00 -6.93 1.35
N HIS A 60 -1.97 -7.13 2.65
CA HIS A 60 -2.67 -8.23 3.26
C HIS A 60 -4.15 -7.92 3.37
N GLU A 61 -4.93 -8.50 2.49
CA GLU A 61 -6.35 -8.29 2.49
C GLU A 61 -7.10 -9.46 3.09
N SER A 62 -8.22 -9.16 3.72
CA SER A 62 -9.04 -10.18 4.36
C SER A 62 -10.06 -10.75 3.38
N GLN A 63 -10.09 -10.22 2.17
CA GLN A 63 -11.04 -10.67 1.19
C GLN A 63 -10.38 -11.04 -0.12
N ARG A 64 -10.99 -11.96 -0.84
CA ARG A 64 -10.51 -12.40 -2.14
C ARG A 64 -11.32 -11.70 -3.24
N GLY A 65 -10.87 -11.81 -4.46
CA GLY A 65 -11.53 -11.14 -5.56
C GLY A 65 -10.75 -9.93 -5.99
N THR A 66 -10.23 -9.22 -5.00
CA THR A 66 -9.35 -8.11 -5.24
C THR A 66 -8.01 -8.66 -5.72
N ASP A 67 -7.37 -7.98 -6.65
CA ASP A 67 -6.11 -8.47 -7.19
C ASP A 67 -5.03 -8.48 -6.13
N ARG A 68 -4.07 -9.35 -6.29
CA ARG A 68 -2.98 -9.51 -5.35
C ARG A 68 -2.11 -8.25 -5.30
N ILE A 69 -2.11 -7.47 -6.37
CA ILE A 69 -1.33 -6.25 -6.39
C ILE A 69 -2.27 -5.06 -6.56
N GLY A 70 -2.00 -3.97 -5.86
CA GLY A 70 -2.85 -2.81 -5.95
C GLY A 70 -2.06 -1.52 -6.03
N TYR A 71 -2.67 -0.50 -6.61
CA TYR A 71 -2.01 0.79 -6.77
C TYR A 71 -2.39 1.76 -5.65
N PHE A 72 -1.44 2.59 -5.25
CA PHE A 72 -1.65 3.58 -4.21
C PHE A 72 -0.67 4.75 -4.36
N PRO A 73 -1.09 5.98 -3.96
CA PRO A 73 -0.27 7.20 -4.08
C PRO A 73 0.83 7.28 -3.02
N PRO A 74 2.07 7.61 -3.44
CA PRO A 74 3.23 7.73 -2.53
C PRO A 74 3.04 8.80 -1.48
N GLY A 75 2.12 9.73 -1.74
CA GLY A 75 1.87 10.82 -0.82
C GLY A 75 1.39 10.37 0.55
N ILE A 76 0.89 9.15 0.65
CA ILE A 76 0.39 8.66 1.93
C ILE A 76 1.27 7.54 2.51
N VAL A 77 2.37 7.23 1.85
CA VAL A 77 3.25 6.16 2.30
C VAL A 77 4.71 6.61 2.39
N GLU A 78 5.45 5.96 3.26
CA GLU A 78 6.86 6.23 3.45
C GLU A 78 7.56 4.94 3.85
N VAL A 79 8.83 4.82 3.51
CA VAL A 79 9.59 3.62 3.82
C VAL A 79 9.89 3.57 5.31
N VAL A 80 10.22 4.71 5.89
CA VAL A 80 10.56 4.76 7.30
C VAL A 80 9.35 5.17 8.15
N SER A 81 9.13 6.48 8.28
CA SER A 81 8.03 6.98 9.09
C SER A 81 7.60 8.36 8.58
N LYS A 82 6.60 8.95 9.24
CA LYS A 82 6.08 10.26 8.84
C LYS A 82 7.07 11.37 9.22
N ARG A 83 7.87 11.11 10.23
CA ARG A 83 8.88 12.04 10.67
C ARG A 83 10.25 11.39 10.64
N GLY A 17 14.78 -8.46 -2.06
CA GLY A 17 13.55 -9.09 -1.54
C GLY A 17 12.36 -8.19 -1.69
N SER A 18 11.35 -8.38 -0.87
CA SER A 18 10.17 -7.56 -0.91
C SER A 18 10.20 -6.53 0.22
N LEU A 19 10.26 -5.27 -0.16
CA LEU A 19 10.34 -4.18 0.79
C LEU A 19 8.97 -3.91 1.39
N LYS A 20 8.96 -3.23 2.51
CA LYS A 20 7.72 -2.89 3.18
C LYS A 20 7.64 -1.39 3.34
N VAL A 21 6.48 -0.83 3.08
CA VAL A 21 6.27 0.59 3.23
C VAL A 21 5.25 0.85 4.32
N ARG A 22 5.40 1.96 4.99
CA ARG A 22 4.56 2.30 6.10
C ARG A 22 3.53 3.34 5.68
N ALA A 23 2.28 3.06 5.97
CA ALA A 23 1.22 3.98 5.63
C ALA A 23 0.98 4.95 6.77
N LEU A 24 1.12 6.22 6.50
CA LEU A 24 0.90 7.23 7.52
C LEU A 24 -0.54 7.71 7.47
N LYS A 25 -1.20 7.40 6.38
CA LYS A 25 -2.60 7.75 6.21
C LYS A 25 -3.35 6.54 5.67
N ASP A 26 -4.65 6.51 5.87
CA ASP A 26 -5.46 5.39 5.41
C ASP A 26 -5.79 5.51 3.94
N PHE A 27 -5.81 4.40 3.27
CA PHE A 27 -6.19 4.36 1.88
C PHE A 27 -7.37 3.42 1.72
N TRP A 28 -8.50 3.99 1.36
CA TRP A 28 -9.70 3.25 1.15
C TRP A 28 -10.66 4.09 0.32
N ASN A 29 -11.28 3.47 -0.65
CA ASN A 29 -12.20 4.19 -1.49
C ASN A 29 -13.61 3.65 -1.31
N LEU A 30 -14.55 4.56 -1.12
CA LEU A 30 -15.95 4.19 -0.89
C LEU A 30 -16.66 3.80 -2.20
N HIS A 31 -15.89 3.69 -3.26
CA HIS A 31 -16.41 3.28 -4.55
C HIS A 31 -15.50 2.24 -5.17
N ASP A 32 -16.10 1.17 -5.67
CA ASP A 32 -15.39 0.05 -6.32
C ASP A 32 -14.56 -0.75 -5.31
N PRO A 33 -14.85 -2.06 -5.19
CA PRO A 33 -14.20 -2.93 -4.22
C PRO A 33 -12.76 -3.36 -4.60
N THR A 34 -12.27 -2.87 -5.73
CA THR A 34 -10.92 -3.21 -6.17
C THR A 34 -9.90 -2.23 -5.58
N ALA A 35 -10.26 -1.62 -4.46
CA ALA A 35 -9.40 -0.66 -3.79
C ALA A 35 -8.38 -1.36 -2.91
N LEU A 36 -7.22 -0.73 -2.74
CA LEU A 36 -6.18 -1.26 -1.89
C LEU A 36 -6.47 -0.87 -0.45
N ASN A 37 -6.75 -1.85 0.40
CA ASN A 37 -7.09 -1.56 1.78
C ASN A 37 -5.85 -1.50 2.65
N VAL A 38 -5.51 -0.31 3.10
CA VAL A 38 -4.40 -0.13 4.01
C VAL A 38 -4.71 0.95 5.04
N ARG A 39 -4.40 0.65 6.28
CA ARG A 39 -4.67 1.54 7.38
C ARG A 39 -3.40 2.24 7.84
N ALA A 40 -3.55 3.43 8.39
CA ALA A 40 -2.42 4.18 8.92
C ALA A 40 -1.74 3.41 10.03
N GLY A 41 -0.48 3.11 9.83
CA GLY A 41 0.28 2.34 10.79
C GLY A 41 0.59 0.95 10.30
N ASP A 42 -0.03 0.56 9.20
CA ASP A 42 0.18 -0.76 8.62
C ASP A 42 1.25 -0.72 7.53
N VAL A 43 1.66 -1.88 7.06
CA VAL A 43 2.71 -1.97 6.05
C VAL A 43 2.26 -2.70 4.78
N ILE A 44 2.62 -2.14 3.64
CA ILE A 44 2.34 -2.73 2.35
C ILE A 44 3.60 -3.41 1.82
N THR A 45 3.45 -4.54 1.15
CA THR A 45 4.58 -5.24 0.62
C THR A 45 4.85 -4.80 -0.82
N VAL A 46 5.91 -4.02 -1.00
CA VAL A 46 6.29 -3.51 -2.31
C VAL A 46 7.55 -4.19 -2.83
N LEU A 47 7.65 -4.30 -4.12
CA LEU A 47 8.83 -4.86 -4.74
C LEU A 47 9.86 -3.76 -5.01
N GLU A 48 9.56 -2.93 -6.01
CA GLU A 48 10.39 -1.78 -6.40
C GLU A 48 9.87 -1.22 -7.71
N GLN A 49 10.15 0.04 -7.97
CA GLN A 49 9.74 0.67 -9.22
C GLN A 49 10.30 2.07 -9.34
N HIS A 50 10.34 2.79 -8.22
CA HIS A 50 10.74 4.20 -8.21
C HIS A 50 9.82 4.99 -9.14
N PRO A 51 8.53 5.07 -8.77
CA PRO A 51 7.50 5.65 -9.62
C PRO A 51 7.42 7.16 -9.56
N ASP A 52 6.66 7.72 -10.49
CA ASP A 52 6.41 9.14 -10.54
C ASP A 52 5.08 9.43 -9.87
N GLY A 53 4.37 8.37 -9.54
CA GLY A 53 3.08 8.49 -8.93
C GLY A 53 2.64 7.18 -8.31
N ARG A 54 1.37 6.85 -8.48
CA ARG A 54 0.80 5.63 -7.92
C ARG A 54 1.46 4.39 -8.52
N TRP A 55 1.80 3.44 -7.67
CA TRP A 55 2.42 2.20 -8.12
C TRP A 55 1.75 0.99 -7.49
N LYS A 56 2.24 -0.19 -7.84
CA LYS A 56 1.65 -1.44 -7.36
C LYS A 56 2.20 -1.86 -6.02
N GLY A 57 1.39 -2.62 -5.30
CA GLY A 57 1.79 -3.13 -4.02
C GLY A 57 0.92 -4.30 -3.62
N HIS A 58 1.48 -5.18 -2.83
CA HIS A 58 0.77 -6.36 -2.36
C HIS A 58 0.47 -6.21 -0.88
N ILE A 59 -0.80 -6.29 -0.52
CA ILE A 59 -1.19 -6.08 0.85
C ILE A 59 -1.86 -7.32 1.43
N HIS A 60 -1.60 -7.58 2.70
CA HIS A 60 -2.23 -8.67 3.39
C HIS A 60 -3.35 -8.13 4.25
N GLU A 61 -4.45 -7.79 3.61
CA GLU A 61 -5.59 -7.21 4.29
C GLU A 61 -6.52 -8.28 4.85
N SER A 62 -7.48 -7.86 5.63
CA SER A 62 -8.43 -8.76 6.24
C SER A 62 -9.55 -9.09 5.28
N GLN A 63 -9.29 -10.03 4.39
CA GLN A 63 -10.27 -10.46 3.42
C GLN A 63 -10.24 -11.98 3.30
N ARG A 64 -10.93 -12.53 2.32
CA ARG A 64 -11.05 -13.97 2.17
C ARG A 64 -9.83 -14.59 1.46
N GLY A 65 -8.65 -14.39 2.03
CA GLY A 65 -7.42 -14.94 1.47
C GLY A 65 -7.15 -14.44 0.07
N THR A 66 -7.58 -13.23 -0.22
CA THR A 66 -7.39 -12.65 -1.53
C THR A 66 -5.94 -12.22 -1.74
N ASP A 67 -5.50 -12.25 -2.99
CA ASP A 67 -4.13 -11.88 -3.34
C ASP A 67 -3.89 -10.42 -2.97
N ARG A 68 -4.72 -9.55 -3.53
CA ARG A 68 -4.70 -8.12 -3.24
C ARG A 68 -3.42 -7.42 -3.65
N ILE A 69 -3.42 -6.95 -4.87
CA ILE A 69 -2.36 -6.13 -5.41
C ILE A 69 -2.99 -4.94 -6.12
N GLY A 70 -2.72 -3.76 -5.63
CA GLY A 70 -3.35 -2.59 -6.21
C GLY A 70 -2.41 -1.43 -6.37
N TYR A 71 -2.97 -0.29 -6.68
CA TYR A 71 -2.20 0.92 -6.88
C TYR A 71 -2.42 1.88 -5.73
N PHE A 72 -1.37 2.57 -5.35
CA PHE A 72 -1.44 3.51 -4.26
C PHE A 72 -0.41 4.62 -4.46
N PRO A 73 -0.72 5.85 -4.03
CA PRO A 73 0.19 6.98 -4.17
C PRO A 73 1.22 7.06 -3.02
N PRO A 74 2.51 7.16 -3.37
CA PRO A 74 3.61 7.27 -2.39
C PRO A 74 3.59 8.60 -1.60
N GLY A 75 2.45 9.25 -1.61
CA GLY A 75 2.28 10.47 -0.86
C GLY A 75 1.69 10.20 0.50
N ILE A 76 1.08 9.04 0.65
CA ILE A 76 0.47 8.65 1.93
C ILE A 76 1.28 7.53 2.60
N VAL A 77 2.23 6.99 1.86
CA VAL A 77 3.07 5.91 2.35
C VAL A 77 4.53 6.22 2.08
N GLU A 78 5.39 5.71 2.93
CA GLU A 78 6.83 5.88 2.74
C GLU A 78 7.57 4.85 3.58
N VAL A 79 8.85 4.71 3.35
CA VAL A 79 9.64 3.79 4.14
C VAL A 79 10.27 4.54 5.32
N VAL A 80 9.67 4.38 6.48
CA VAL A 80 10.14 5.04 7.68
C VAL A 80 9.65 4.27 8.90
N SER A 81 10.38 4.37 9.99
CA SER A 81 10.00 3.69 11.20
C SER A 81 8.71 4.33 11.76
N LYS A 82 8.75 5.63 11.98
CA LYS A 82 7.60 6.34 12.50
C LYS A 82 7.71 7.83 12.13
N ARG A 83 6.58 8.50 12.06
CA ARG A 83 6.56 9.93 11.80
C ARG A 83 6.11 10.66 13.05
#